data_6MPX
#
_entry.id   6MPX
#
_cell.length_a   121.160
_cell.length_b   121.160
_cell.length_c   106.020
_cell.angle_alpha   90.000
_cell.angle_beta   90.000
_cell.angle_gamma   90.000
#
_symmetry.space_group_name_H-M   'P 41 21 2'
#
loop_
_entity.id
_entity.type
_entity.pdbx_description
1 polymer 'fusion protein of non-collagenous domains of collagen type IV'
2 non-polymer 'CHLORIDE ION'
3 non-polymer 'SULFATE ION'
4 non-polymer DI(HYDROXYETHYL)ETHER
5 non-polymer 'TRIETHYLENE GLYCOL'
6 non-polymer 'HEXAETHYLENE GLYCOL'
7 non-polymer GLYCEROL
8 water water
#
_entity_poly.entity_id   1
_entity_poly.type   'polypeptide(L)'
_entity_poly.pdbx_seq_one_letter_code
;APLADYKDDDDKLAGTPSVDHGFLVTRHSQTIDDPQCPSGTKILYHGYSLLYVQGNERAHGQDLGTAGSCLRKFSTMPFL
FCNINNVCNFASRNDYSYWLSTPEPMPMSMAPITGENIRPFISRCAVCEAPAMVMAVHSQTIQIPPCPSGWSSLWIGYSF
VMHTSAGAEGSGQALASPGSCLEEFRSAPFIECHGRGTCNYYANAYSFWLATIERSEMFKKPTPSTLKAGELRTHVSRCQ
VCMGTGYLLVKHSQTDQEPMCPVGMNKLWSGYSLLYFEGQEKAHNQDLGLAGSCLARFSTMPFLYCNPGDVCYYASRNDK
SYWLSTTAPLPMMPVAEDEIKPYISRCSVCEAPAIAIAVHSQDVSIPHCPAGWRSLWIGYSFLMHTAAGDEGGGQSLVSP
GSCLEDFRATPFIECNGGRGTCHYYANKYSFWLTTIPEQSFQGSPSADTLKAGLIRTHISRCQVCMAPGFLVTRHSQTID
DPQCPSGTKILYHGYSLLYVQGNERAHGQDLGTAGSCLRKFSTMPFLFCNINNVCNFASRNDYSYWLSTPEPMPMSMAPI
TGENIRPFISRCAVCEAPAMVMAVHSQTIQIPPCPSGWSSLWIGYSFVMHTSAGAEGSGQALASPGSCLEEFRSAPFIEC
HGRGTCNYYANAYSFWLATIERSEMFKKPTPSTLKAGELRTHVSRCQVCMRRT
;
_entity_poly.pdbx_strand_id   A
#
loop_
_chem_comp.id
_chem_comp.type
_chem_comp.name
_chem_comp.formula
CL non-polymer 'CHLORIDE ION' 'Cl -1'
GOL non-polymer GLYCEROL 'C3 H8 O3'
P6G non-polymer 'HEXAETHYLENE GLYCOL' 'C12 H26 O7'
PEG non-polymer DI(HYDROXYETHYL)ETHER 'C4 H10 O3'
PGE non-polymer 'TRIETHYLENE GLYCOL' 'C6 H14 O4'
SO4 non-polymer 'SULFATE ION' 'O4 S -2'
#
# COMPACT_ATOMS: atom_id res chain seq x y z
N HIS A 21 23.65 1.98 4.87
CA HIS A 21 22.53 2.92 4.96
C HIS A 21 21.25 2.29 5.52
N GLY A 22 21.21 0.96 5.58
CA GLY A 22 20.11 0.25 6.20
C GLY A 22 19.02 -0.25 5.28
N PHE A 23 19.33 -0.57 4.02
CA PHE A 23 18.36 -1.21 3.15
C PHE A 23 18.13 -2.65 3.60
N LEU A 24 16.88 -3.10 3.47
CA LEU A 24 16.50 -4.44 3.87
C LEU A 24 15.96 -5.22 2.68
N VAL A 25 16.15 -6.54 2.71
CA VAL A 25 15.49 -7.44 1.78
C VAL A 25 14.92 -8.59 2.58
N THR A 26 13.70 -9.00 2.26
CA THR A 26 13.03 -10.11 2.91
C THR A 26 12.89 -11.24 1.90
N ARG A 27 13.20 -12.47 2.33
CA ARG A 27 13.14 -13.65 1.50
C ARG A 27 12.25 -14.70 2.17
N HIS A 28 11.46 -15.42 1.37
CA HIS A 28 10.50 -16.40 1.86
C HIS A 28 10.84 -17.76 1.27
N SER A 29 11.05 -18.76 2.12
CA SER A 29 11.50 -20.07 1.65
C SER A 29 10.37 -20.86 0.99
N GLN A 30 9.12 -20.57 1.35
CA GLN A 30 7.96 -21.37 0.96
C GLN A 30 8.10 -22.82 1.39
N THR A 31 8.90 -23.05 2.43
CA THR A 31 9.04 -24.36 3.07
C THR A 31 9.12 -24.15 4.59
N ILE A 32 9.23 -25.25 5.33
CA ILE A 32 9.36 -25.17 6.79
C ILE A 32 10.75 -24.75 7.25
N ASP A 33 11.73 -24.68 6.35
CA ASP A 33 13.10 -24.33 6.68
C ASP A 33 13.37 -22.85 6.46
N ASP A 34 14.24 -22.28 7.29
CA ASP A 34 14.67 -20.90 7.10
C ASP A 34 15.30 -20.72 5.72
N PRO A 35 14.96 -19.67 4.99
CA PRO A 35 15.74 -19.34 3.79
C PRO A 35 17.07 -18.72 4.18
N GLN A 36 18.07 -18.92 3.32
CA GLN A 36 19.35 -18.26 3.47
C GLN A 36 19.27 -16.84 2.96
N CYS A 37 19.97 -15.92 3.64
CA CYS A 37 20.10 -14.57 3.12
C CYS A 37 20.89 -14.58 1.81
N PRO A 38 20.45 -13.86 0.79
CA PRO A 38 21.13 -13.91 -0.50
C PRO A 38 22.54 -13.34 -0.41
N SER A 39 23.41 -13.82 -1.30
CA SER A 39 24.82 -13.47 -1.24
C SER A 39 24.99 -11.95 -1.25
N GLY A 40 25.85 -11.45 -0.38
CA GLY A 40 26.03 -10.03 -0.22
C GLY A 40 25.15 -9.37 0.83
N THR A 41 24.24 -10.11 1.47
CA THR A 41 23.40 -9.60 2.54
C THR A 41 23.63 -10.40 3.80
N LYS A 42 23.14 -9.88 4.93
CA LYS A 42 23.36 -10.50 6.23
C LYS A 42 22.06 -10.59 7.01
N ILE A 43 21.97 -11.62 7.84
CA ILE A 43 20.72 -11.98 8.51
C ILE A 43 20.47 -11.03 9.67
N LEU A 44 19.22 -10.58 9.80
CA LEU A 44 18.76 -9.84 10.97
C LEU A 44 17.89 -10.69 11.89
N TYR A 45 16.89 -11.38 11.33
CA TYR A 45 16.08 -12.33 12.09
C TYR A 45 15.28 -13.18 11.10
N HIS A 46 14.76 -14.29 11.61
CA HIS A 46 13.89 -15.19 10.87
C HIS A 46 12.48 -15.16 11.44
N GLY A 47 11.53 -15.64 10.66
CA GLY A 47 10.17 -15.69 11.13
C GLY A 47 9.27 -16.52 10.24
N TYR A 48 7.98 -16.24 10.35
CA TYR A 48 6.96 -16.87 9.52
C TYR A 48 6.39 -15.86 8.53
N SER A 49 6.00 -16.37 7.35
CA SER A 49 5.63 -15.53 6.19
C SER A 49 4.18 -15.06 6.29
N LEU A 50 3.97 -13.84 6.79
CA LEU A 50 2.63 -13.27 6.87
C LEU A 50 2.26 -12.60 5.55
N LEU A 51 1.13 -13.03 4.95
CA LEU A 51 0.65 -12.46 3.68
C LEU A 51 -0.34 -11.31 3.91
N TYR A 52 -1.41 -11.58 4.65
CA TYR A 52 -2.33 -10.50 5.01
C TYR A 52 -3.21 -10.94 6.16
N VAL A 53 -3.92 -9.96 6.74
CA VAL A 53 -4.90 -10.19 7.78
C VAL A 53 -6.24 -9.62 7.31
N GLN A 54 -7.30 -10.07 7.97
CA GLN A 54 -8.65 -9.59 7.67
C GLN A 54 -9.38 -9.36 8.98
N GLY A 55 -9.72 -8.10 9.26
CA GLY A 55 -10.41 -7.75 10.50
C GLY A 55 -11.65 -6.93 10.20
N ASN A 56 -12.77 -7.29 10.83
CA ASN A 56 -14.05 -6.68 10.52
C ASN A 56 -14.29 -6.74 9.00
N GLU A 57 -13.90 -7.88 8.40
CA GLU A 57 -14.07 -8.20 6.98
C GLU A 57 -13.24 -7.33 6.04
N ARG A 58 -12.26 -6.60 6.53
CA ARG A 58 -11.42 -5.80 5.65
C ARG A 58 -10.00 -6.36 5.66
N ALA A 59 -9.44 -6.57 4.47
CA ALA A 59 -8.10 -7.12 4.33
C ALA A 59 -7.06 -6.02 4.40
N HIS A 60 -5.93 -6.36 4.99
CA HIS A 60 -4.78 -5.46 5.01
C HIS A 60 -3.53 -6.30 4.83
N GLY A 61 -2.79 -6.08 3.74
CA GLY A 61 -1.65 -6.90 3.41
C GLY A 61 -0.33 -6.32 3.89
N GLN A 62 0.69 -7.17 3.86
CA GLN A 62 2.09 -6.79 4.08
C GLN A 62 2.88 -7.21 2.84
N ASP A 63 3.51 -6.24 2.18
CA ASP A 63 4.26 -6.56 0.97
C ASP A 63 5.37 -7.58 1.28
N LEU A 64 5.38 -8.69 0.53
CA LEU A 64 6.30 -9.80 0.81
C LEU A 64 7.76 -9.43 0.66
N GLY A 65 8.06 -8.28 0.05
CA GLY A 65 9.44 -7.81 0.01
C GLY A 65 9.88 -7.03 1.23
N THR A 66 8.96 -6.73 2.13
CA THR A 66 9.24 -5.91 3.30
C THR A 66 9.28 -6.76 4.57
N ALA A 67 9.98 -6.23 5.57
CA ALA A 67 10.17 -6.96 6.82
C ALA A 67 8.85 -7.20 7.55
N GLY A 68 7.81 -6.41 7.26
CA GLY A 68 6.51 -6.62 7.88
C GLY A 68 5.81 -7.89 7.43
N SER A 69 6.28 -8.52 6.35
CA SER A 69 5.77 -9.84 5.98
C SER A 69 6.48 -10.96 6.72
N CYS A 70 7.39 -10.66 7.65
CA CYS A 70 8.16 -11.68 8.34
C CYS A 70 7.98 -11.49 9.84
N LEU A 71 7.10 -12.29 10.44
CA LEU A 71 6.74 -12.19 11.85
C LEU A 71 7.45 -13.28 12.66
N ARG A 72 8.13 -12.87 13.73
CA ARG A 72 8.91 -13.82 14.53
C ARG A 72 8.02 -14.91 15.13
N LYS A 73 6.78 -14.58 15.50
CA LYS A 73 5.88 -15.53 16.13
C LYS A 73 4.62 -15.70 15.31
N PHE A 74 4.32 -16.94 14.96
CA PHE A 74 3.07 -17.26 14.29
C PHE A 74 1.92 -17.31 15.29
N SER A 75 0.73 -16.99 14.79
CA SER A 75 -0.53 -17.33 15.45
C SER A 75 -1.63 -17.27 14.42
N THR A 76 -2.65 -18.11 14.59
CA THR A 76 -3.79 -17.95 13.71
C THR A 76 -4.50 -16.62 13.96
N MET A 77 -4.32 -16.01 15.11
CA MET A 77 -4.87 -14.68 15.40
C MET A 77 -3.77 -13.80 15.96
N PRO A 78 -2.97 -13.17 15.11
CA PRO A 78 -1.86 -12.34 15.60
C PRO A 78 -2.24 -10.91 15.95
N PHE A 79 -3.53 -10.55 15.95
CA PHE A 79 -3.94 -9.19 16.27
C PHE A 79 -5.18 -9.23 17.16
N LEU A 80 -5.52 -8.05 17.71
CA LEU A 80 -6.75 -7.84 18.47
C LEU A 80 -7.35 -6.50 18.03
N PHE A 81 -8.58 -6.21 18.47
CA PHE A 81 -9.16 -4.91 18.16
C PHE A 81 -9.77 -4.28 19.40
N CYS A 82 -9.85 -2.95 19.39
CA CYS A 82 -10.36 -2.14 20.51
C CYS A 82 -11.41 -1.17 20.00
N ASN A 83 -12.40 -0.88 20.85
CA ASN A 83 -13.45 0.07 20.51
C ASN A 83 -13.31 1.35 21.33
N ILE A 84 -14.14 2.36 21.00
CA ILE A 84 -13.98 3.67 21.64
C ILE A 84 -14.39 3.68 23.11
N ASN A 85 -15.04 2.62 23.60
CA ASN A 85 -15.38 2.50 25.01
C ASN A 85 -14.27 1.86 25.84
N ASN A 86 -13.05 1.77 25.31
CA ASN A 86 -11.90 1.22 26.03
C ASN A 86 -12.10 -0.26 26.35
N VAL A 87 -12.70 -1.00 25.42
CA VAL A 87 -12.81 -2.44 25.51
C VAL A 87 -12.10 -3.03 24.30
N CYS A 88 -11.22 -4.00 24.54
CA CYS A 88 -10.50 -4.70 23.48
C CYS A 88 -10.89 -6.16 23.51
N ASN A 89 -10.94 -6.76 22.32
CA ASN A 89 -11.33 -8.14 22.15
C ASN A 89 -10.26 -8.86 21.34
N PHE A 90 -9.82 -10.01 21.84
CA PHE A 90 -8.81 -10.85 21.19
C PHE A 90 -9.44 -12.19 20.84
N ALA A 91 -9.34 -12.59 19.56
CA ALA A 91 -9.87 -13.86 19.07
C ALA A 91 -11.33 -14.06 19.49
N SER A 92 -12.10 -12.98 19.48
CA SER A 92 -13.46 -12.99 20.02
C SER A 92 -14.46 -12.39 19.04
N ARG A 93 -14.17 -12.47 17.74
CA ARG A 93 -15.21 -12.22 16.76
C ARG A 93 -15.09 -13.25 15.66
N ASN A 94 -14.68 -12.87 14.45
CA ASN A 94 -14.62 -13.82 13.35
C ASN A 94 -13.57 -13.40 12.33
N ASP A 95 -12.34 -13.18 12.77
CA ASP A 95 -11.33 -12.59 11.89
C ASP A 95 -10.35 -13.65 11.36
N TYR A 96 -9.50 -13.23 10.42
CA TYR A 96 -8.65 -14.12 9.64
C TYR A 96 -7.20 -13.67 9.64
N SER A 97 -6.31 -14.64 9.39
CA SER A 97 -4.94 -14.35 9.01
C SER A 97 -4.54 -15.27 7.86
N TYR A 98 -3.62 -14.79 7.03
CA TYR A 98 -3.19 -15.54 5.85
C TYR A 98 -1.67 -15.59 5.80
N TRP A 99 -1.13 -16.76 5.45
CA TRP A 99 0.30 -17.00 5.50
C TRP A 99 0.74 -17.68 4.21
N LEU A 100 1.91 -17.30 3.69
CA LEU A 100 2.51 -18.10 2.63
C LEU A 100 2.69 -19.52 3.14
N SER A 101 2.54 -20.49 2.24
CA SER A 101 2.47 -21.88 2.64
C SER A 101 3.57 -22.71 1.98
N THR A 102 3.65 -23.96 2.41
CA THR A 102 4.68 -24.93 2.01
C THR A 102 4.08 -25.91 1.00
N PRO A 103 4.86 -26.86 0.45
CA PRO A 103 4.26 -27.90 -0.39
C PRO A 103 3.38 -28.90 0.34
N GLU A 104 3.21 -28.78 1.65
CA GLU A 104 2.55 -29.84 2.42
C GLU A 104 1.15 -30.10 1.84
N PRO A 105 0.76 -31.34 1.62
CA PRO A 105 -0.56 -31.61 1.04
C PRO A 105 -1.68 -31.38 2.05
N MET A 106 -2.85 -31.09 1.51
CA MET A 106 -4.06 -31.13 2.31
C MET A 106 -4.26 -32.53 2.86
N PRO A 107 -4.71 -32.67 4.11
CA PRO A 107 -5.10 -33.99 4.60
C PRO A 107 -6.23 -34.55 3.76
N MET A 108 -6.32 -35.88 3.75
CA MET A 108 -7.32 -36.52 2.90
C MET A 108 -8.74 -36.14 3.33
N SER A 109 -8.94 -35.87 4.62
CA SER A 109 -10.25 -35.45 5.08
C SER A 109 -10.68 -34.11 4.48
N MET A 110 -9.71 -33.28 4.06
CA MET A 110 -9.93 -31.92 3.61
C MET A 110 -10.58 -31.05 4.66
N ALA A 111 -10.49 -31.46 5.93
CA ALA A 111 -11.02 -30.75 7.08
C ALA A 111 -9.98 -29.76 7.61
N PRO A 112 -10.42 -28.71 8.30
CA PRO A 112 -9.45 -27.71 8.79
C PRO A 112 -8.39 -28.31 9.70
N ILE A 113 -7.21 -27.73 9.62
CA ILE A 113 -6.03 -28.16 10.38
C ILE A 113 -5.95 -27.33 11.66
N THR A 114 -5.56 -27.96 12.77
CA THR A 114 -5.48 -27.26 14.05
C THR A 114 -4.20 -27.62 14.78
N GLY A 115 -3.82 -26.75 15.71
CA GLY A 115 -2.76 -27.06 16.66
C GLY A 115 -1.40 -27.18 15.99
N GLU A 116 -0.60 -28.11 16.51
CA GLU A 116 0.72 -28.34 15.95
C GLU A 116 0.67 -28.89 14.53
N ASN A 117 -0.46 -29.44 14.09
CA ASN A 117 -0.57 -29.89 12.71
C ASN A 117 -0.47 -28.73 11.72
N ILE A 118 -0.61 -27.48 12.19
CA ILE A 118 -0.51 -26.32 11.31
C ILE A 118 0.94 -26.09 10.88
N ARG A 119 1.90 -26.34 11.78
CA ARG A 119 3.29 -25.95 11.55
C ARG A 119 3.87 -26.38 10.20
N PRO A 120 3.67 -27.62 9.72
CA PRO A 120 4.25 -28.02 8.43
C PRO A 120 3.71 -27.23 7.24
N PHE A 121 2.66 -26.43 7.43
CA PHE A 121 2.05 -25.70 6.34
C PHE A 121 2.57 -24.27 6.17
N ILE A 122 3.30 -23.72 7.13
CA ILE A 122 3.63 -22.29 7.13
C ILE A 122 5.04 -22.07 6.60
N SER A 123 5.16 -21.17 5.63
CA SER A 123 6.44 -20.75 5.09
C SER A 123 7.25 -19.99 6.13
N ARG A 124 8.57 -20.13 6.03
CA ARG A 124 9.52 -19.36 6.85
C ARG A 124 10.13 -18.25 6.02
N CYS A 125 10.71 -17.27 6.73
CA CYS A 125 11.26 -16.08 6.07
C CYS A 125 12.54 -15.62 6.77
N ALA A 126 13.29 -14.78 6.08
CA ALA A 126 14.48 -14.14 6.61
C ALA A 126 14.45 -12.66 6.27
N VAL A 127 14.78 -11.83 7.24
CA VAL A 127 14.94 -10.40 7.05
C VAL A 127 16.44 -10.10 7.05
N CYS A 128 16.92 -9.57 5.93
CA CYS A 128 18.35 -9.37 5.72
C CYS A 128 18.64 -7.91 5.44
N GLU A 129 19.81 -7.44 5.88
CA GLU A 129 20.25 -6.08 5.59
C GLU A 129 21.18 -6.10 4.38
N ALA A 130 20.83 -5.34 3.39
CA ALA A 130 21.56 -5.22 2.14
C ALA A 130 22.42 -3.97 2.14
N PRO A 131 23.55 -3.99 1.43
CA PRO A 131 24.36 -2.77 1.29
C PRO A 131 23.76 -1.74 0.35
N ALA A 132 22.79 -2.13 -0.47
CA ALA A 132 22.22 -1.24 -1.46
C ALA A 132 20.77 -1.64 -1.69
N MET A 133 20.06 -0.82 -2.45
CA MET A 133 18.64 -1.07 -2.66
C MET A 133 18.44 -2.33 -3.51
N VAL A 134 17.25 -2.91 -3.39
CA VAL A 134 16.91 -4.17 -4.04
C VAL A 134 15.58 -3.99 -4.76
N MET A 135 15.48 -4.58 -5.95
CA MET A 135 14.27 -4.48 -6.77
C MET A 135 14.04 -5.80 -7.49
N ALA A 136 12.84 -5.96 -8.03
CA ALA A 136 12.52 -7.05 -8.94
C ALA A 136 12.32 -6.49 -10.35
N VAL A 137 12.76 -7.26 -11.34
CA VAL A 137 12.45 -7.01 -12.74
C VAL A 137 11.69 -8.22 -13.28
N HIS A 138 10.79 -7.98 -14.25
CA HIS A 138 9.93 -9.03 -14.79
C HIS A 138 10.06 -9.10 -16.31
N SER A 139 10.13 -10.33 -16.84
CA SER A 139 10.31 -10.49 -18.28
C SER A 139 9.00 -10.41 -19.05
N GLN A 140 7.89 -10.84 -18.45
CA GLN A 140 6.63 -11.06 -19.17
C GLN A 140 6.80 -12.09 -20.30
N THR A 141 7.77 -12.98 -20.15
CA THR A 141 8.00 -14.12 -21.03
C THR A 141 8.40 -15.32 -20.18
N ILE A 142 8.68 -16.45 -20.83
CA ILE A 142 9.17 -17.61 -20.09
C ILE A 142 10.67 -17.53 -19.81
N GLN A 143 11.36 -16.53 -20.34
CA GLN A 143 12.78 -16.36 -20.10
C GLN A 143 13.03 -15.51 -18.86
N ILE A 144 14.18 -15.73 -18.23
CA ILE A 144 14.57 -14.95 -17.05
C ILE A 144 14.98 -13.56 -17.48
N PRO A 145 14.42 -12.49 -16.92
CA PRO A 145 14.90 -11.14 -17.27
C PRO A 145 16.27 -10.89 -16.66
N PRO A 146 17.18 -10.29 -17.41
CA PRO A 146 18.49 -9.96 -16.83
C PRO A 146 18.39 -8.80 -15.87
N CYS A 147 19.28 -8.80 -14.88
CA CYS A 147 19.37 -7.65 -13.99
C CYS A 147 19.85 -6.43 -14.77
N PRO A 148 19.48 -5.23 -14.34
CA PRO A 148 20.03 -4.02 -14.96
C PRO A 148 21.56 -4.06 -14.92
N SER A 149 22.17 -3.43 -15.93
CA SER A 149 23.62 -3.34 -15.99
C SER A 149 24.17 -2.74 -14.71
N GLY A 150 25.19 -3.39 -14.15
CA GLY A 150 25.77 -2.99 -12.88
C GLY A 150 25.02 -3.47 -11.65
N TRP A 151 23.89 -4.14 -11.81
CA TRP A 151 23.15 -4.68 -10.68
C TRP A 151 23.50 -6.14 -10.49
N SER A 152 23.51 -6.59 -9.23
CA SER A 152 23.89 -7.96 -8.89
C SER A 152 22.66 -8.79 -8.55
N SER A 153 22.71 -10.07 -8.90
CA SER A 153 21.55 -10.95 -8.84
C SER A 153 21.39 -11.54 -7.44
N LEU A 154 20.17 -11.52 -6.93
CA LEU A 154 19.90 -12.15 -5.64
C LEU A 154 19.16 -13.48 -5.78
N TRP A 155 18.14 -13.56 -6.63
CA TRP A 155 17.44 -14.81 -6.88
C TRP A 155 16.54 -14.62 -8.08
N ILE A 156 16.00 -15.74 -8.59
CA ILE A 156 15.08 -15.71 -9.73
C ILE A 156 13.79 -16.38 -9.31
N GLY A 157 12.72 -16.07 -10.03
CA GLY A 157 11.44 -16.60 -9.66
C GLY A 157 10.35 -16.42 -10.69
N TYR A 158 9.12 -16.35 -10.19
CA TYR A 158 7.89 -16.23 -10.97
C TYR A 158 7.15 -14.99 -10.49
N SER A 159 6.53 -14.27 -11.43
CA SER A 159 5.95 -12.96 -11.18
C SER A 159 4.61 -13.08 -10.45
N PHE A 160 4.62 -12.87 -9.13
CA PHE A 160 3.44 -12.97 -8.25
C PHE A 160 2.91 -11.56 -7.99
N VAL A 161 1.62 -11.30 -8.30
CA VAL A 161 1.14 -9.92 -8.29
C VAL A 161 0.01 -9.69 -7.28
N MET A 162 -0.98 -10.59 -7.15
CA MET A 162 -2.04 -10.36 -6.15
CA MET A 162 -2.00 -10.38 -6.11
C MET A 162 -2.73 -11.69 -5.84
N HIS A 163 -3.69 -11.63 -4.92
CA HIS A 163 -4.38 -12.82 -4.42
C HIS A 163 -5.70 -12.40 -3.78
N THR A 164 -6.67 -13.32 -3.79
CA THR A 164 -7.95 -13.11 -3.13
C THR A 164 -8.37 -14.40 -2.45
N SER A 165 -9.18 -14.27 -1.40
CA SER A 165 -9.75 -15.46 -0.77
C SER A 165 -11.15 -15.17 -0.25
N ALA A 166 -11.39 -15.35 1.06
CA ALA A 166 -12.72 -15.14 1.63
C ALA A 166 -13.25 -13.74 1.33
N GLY A 167 -14.52 -13.67 0.91
CA GLY A 167 -15.16 -12.43 0.51
C GLY A 167 -14.58 -11.75 -0.73
N ALA A 168 -13.71 -12.48 -1.45
CA ALA A 168 -12.87 -11.91 -2.50
C ALA A 168 -12.08 -10.71 -2.02
N GLU A 169 -11.82 -10.65 -0.72
CA GLU A 169 -10.84 -9.72 -0.18
C GLU A 169 -9.44 -10.26 -0.47
N GLY A 170 -8.44 -9.40 -0.36
CA GLY A 170 -7.08 -9.82 -0.60
C GLY A 170 -6.14 -8.63 -0.63
N SER A 171 -4.98 -8.83 -1.22
CA SER A 171 -3.96 -7.79 -1.33
C SER A 171 -2.98 -8.23 -2.42
N GLY A 172 -1.88 -7.51 -2.55
CA GLY A 172 -0.96 -7.81 -3.63
C GLY A 172 0.44 -7.27 -3.39
N GLN A 173 1.27 -7.41 -4.40
CA GLN A 173 2.67 -7.02 -4.34
C GLN A 173 2.95 -5.84 -5.28
N ALA A 174 3.90 -5.00 -4.88
CA ALA A 174 4.42 -3.99 -5.79
C ALA A 174 5.33 -4.66 -6.81
N LEU A 175 5.18 -4.31 -8.08
CA LEU A 175 5.86 -5.08 -9.12
C LEU A 175 7.36 -4.81 -9.19
N ALA A 176 7.88 -3.80 -8.50
CA ALA A 176 9.33 -3.64 -8.38
C ALA A 176 9.85 -4.12 -7.03
N SER A 177 8.98 -4.65 -6.17
CA SER A 177 9.38 -5.20 -4.89
C SER A 177 9.83 -6.65 -5.07
N PRO A 178 10.85 -7.11 -4.31
CA PRO A 178 11.21 -8.53 -4.32
C PRO A 178 10.03 -9.43 -3.98
N GLY A 179 9.03 -8.88 -3.30
CA GLY A 179 7.85 -9.66 -2.95
C GLY A 179 7.00 -10.08 -4.14
N SER A 180 7.18 -9.43 -5.30
CA SER A 180 6.52 -9.87 -6.52
C SER A 180 7.27 -10.99 -7.24
N CYS A 181 8.35 -11.50 -6.65
CA CYS A 181 9.16 -12.53 -7.30
C CYS A 181 9.28 -13.72 -6.35
N LEU A 182 8.36 -14.69 -6.47
CA LEU A 182 8.38 -15.89 -5.63
C LEU A 182 9.25 -16.95 -6.30
N GLU A 183 10.12 -17.58 -5.51
CA GLU A 183 11.08 -18.49 -6.12
C GLU A 183 10.44 -19.80 -6.57
N GLU A 184 9.34 -20.22 -5.94
CA GLU A 184 8.63 -21.44 -6.33
C GLU A 184 7.22 -21.07 -6.78
N PHE A 185 6.88 -21.44 -8.01
CA PHE A 185 5.50 -21.27 -8.46
C PHE A 185 4.60 -22.25 -7.72
N ARG A 186 3.44 -21.78 -7.28
CA ARG A 186 2.42 -22.62 -6.69
C ARG A 186 1.06 -22.10 -7.11
N SER A 187 0.16 -23.00 -7.57
CA SER A 187 -1.21 -22.52 -7.78
C SER A 187 -1.87 -22.12 -6.46
N ALA A 188 -1.43 -22.75 -5.36
CA ALA A 188 -1.94 -22.50 -4.02
C ALA A 188 -0.80 -22.07 -3.11
N PRO A 189 -0.33 -20.82 -3.23
CA PRO A 189 0.85 -20.37 -2.46
C PRO A 189 0.55 -19.87 -1.04
N PHE A 190 -0.71 -19.86 -0.59
CA PHE A 190 -1.01 -19.35 0.75
C PHE A 190 -2.19 -20.10 1.36
N ILE A 191 -2.21 -20.13 2.71
CA ILE A 191 -3.21 -20.83 3.49
C ILE A 191 -3.97 -19.82 4.36
N GLU A 192 -5.23 -20.12 4.65
CA GLU A 192 -6.15 -19.24 5.37
C GLU A 192 -6.34 -19.74 6.80
N CYS A 193 -6.17 -18.85 7.79
CA CYS A 193 -6.35 -19.23 9.19
C CYS A 193 -7.39 -18.34 9.85
N HIS A 194 -7.98 -18.84 10.93
CA HIS A 194 -9.10 -18.18 11.58
C HIS A 194 -8.82 -17.97 13.05
N GLY A 195 -9.45 -16.93 13.62
CA GLY A 195 -9.31 -16.67 15.05
C GLY A 195 -9.61 -17.86 15.93
N ARG A 196 -10.46 -18.78 15.49
CA ARG A 196 -10.78 -19.94 16.29
C ARG A 196 -9.67 -21.00 16.31
N GLY A 197 -8.59 -20.80 15.55
CA GLY A 197 -7.44 -21.70 15.59
C GLY A 197 -7.34 -22.68 14.43
N THR A 198 -8.26 -22.62 13.47
CA THR A 198 -8.27 -23.49 12.31
C THR A 198 -7.53 -22.85 11.14
N CYS A 199 -6.98 -23.69 10.25
CA CYS A 199 -6.43 -23.25 8.97
C CYS A 199 -6.82 -24.26 7.89
N ASN A 200 -7.04 -23.77 6.66
CA ASN A 200 -7.32 -24.67 5.55
C ASN A 200 -7.08 -23.95 4.23
N TYR A 201 -7.01 -24.75 3.18
CA TYR A 201 -7.18 -24.24 1.82
C TYR A 201 -8.66 -24.27 1.46
N TYR A 202 -9.09 -23.27 0.69
CA TYR A 202 -10.46 -23.16 0.21
C TYR A 202 -10.43 -22.96 -1.30
N ALA A 203 -11.49 -23.42 -1.97
CA ALA A 203 -11.52 -23.43 -3.43
C ALA A 203 -11.47 -22.03 -4.03
N ASN A 204 -11.84 -20.99 -3.28
CA ASN A 204 -11.82 -19.63 -3.80
C ASN A 204 -10.54 -18.88 -3.45
N ALA A 205 -9.50 -19.57 -2.98
CA ALA A 205 -8.19 -18.95 -2.76
C ALA A 205 -7.49 -18.83 -4.11
N TYR A 206 -7.44 -17.62 -4.65
CA TYR A 206 -6.93 -17.38 -6.00
C TYR A 206 -5.57 -16.71 -5.95
N SER A 207 -4.64 -17.17 -6.78
CA SER A 207 -3.35 -16.50 -6.93
C SER A 207 -3.26 -15.90 -8.33
N PHE A 208 -2.79 -14.65 -8.42
CA PHE A 208 -2.70 -13.93 -9.69
C PHE A 208 -1.25 -13.69 -10.04
N TRP A 209 -0.89 -13.97 -11.29
CA TRP A 209 0.48 -13.93 -11.77
C TRP A 209 0.54 -13.11 -13.05
N LEU A 210 1.65 -12.39 -13.24
CA LEU A 210 1.86 -11.75 -14.54
C LEU A 210 1.96 -12.82 -15.62
N ALA A 211 1.32 -12.57 -16.76
CA ALA A 211 1.28 -13.54 -17.83
C ALA A 211 2.36 -13.23 -18.86
N THR A 212 2.61 -14.22 -19.72
CA THR A 212 3.55 -14.05 -20.82
C THR A 212 2.84 -13.32 -21.96
N ILE A 213 3.48 -12.28 -22.48
CA ILE A 213 2.90 -11.43 -23.53
C ILE A 213 3.93 -11.30 -24.63
N GLU A 214 3.59 -11.73 -25.84
CA GLU A 214 4.45 -11.50 -26.98
C GLU A 214 4.33 -10.04 -27.44
N ARG A 215 5.46 -9.44 -27.77
CA ARG A 215 5.45 -8.05 -28.23
C ARG A 215 4.45 -7.85 -29.37
N SER A 216 4.42 -8.78 -30.33
CA SER A 216 3.47 -8.70 -31.43
C SER A 216 2.02 -8.78 -30.97
N GLU A 217 1.77 -9.31 -29.78
CA GLU A 217 0.41 -9.51 -29.26
C GLU A 217 -0.06 -8.39 -28.34
N MET A 218 0.77 -7.37 -28.12
CA MET A 218 0.49 -6.42 -27.05
C MET A 218 -0.83 -5.71 -27.27
N PHE A 219 -1.09 -5.25 -28.49
CA PHE A 219 -2.33 -4.58 -28.85
C PHE A 219 -3.20 -5.45 -29.76
N LYS A 220 -3.30 -6.73 -29.42
CA LYS A 220 -4.27 -7.64 -30.02
C LYS A 220 -5.19 -8.14 -28.92
N LYS A 221 -6.38 -8.56 -29.29
CA LYS A 221 -7.28 -9.15 -28.30
C LYS A 221 -6.60 -10.36 -27.68
N PRO A 222 -6.58 -10.51 -26.35
CA PRO A 222 -5.93 -11.67 -25.75
C PRO A 222 -6.52 -12.98 -26.24
N THR A 223 -5.67 -13.96 -26.45
CA THR A 223 -6.13 -15.32 -26.73
C THR A 223 -6.37 -16.03 -25.41
N PRO A 224 -7.60 -16.42 -25.08
CA PRO A 224 -7.84 -17.06 -23.80
C PRO A 224 -7.19 -18.44 -23.75
N SER A 225 -6.75 -18.82 -22.56
CA SER A 225 -6.19 -20.14 -22.31
C SER A 225 -6.70 -20.67 -20.99
N THR A 226 -7.14 -21.93 -20.99
CA THR A 226 -7.39 -22.70 -19.78
C THR A 226 -6.25 -23.68 -19.61
N LEU A 227 -5.54 -23.59 -18.48
CA LEU A 227 -4.31 -24.34 -18.30
C LEU A 227 -4.46 -25.33 -17.15
N LYS A 228 -3.90 -26.52 -17.34
CA LYS A 228 -3.93 -27.58 -16.36
C LYS A 228 -2.52 -28.01 -15.98
N ALA A 229 -2.42 -28.79 -14.91
CA ALA A 229 -1.15 -29.32 -14.44
C ALA A 229 -0.31 -29.86 -15.58
N GLY A 230 0.94 -29.44 -15.62
CA GLY A 230 1.83 -29.81 -16.69
C GLY A 230 2.06 -28.72 -17.71
N GLU A 231 1.21 -27.69 -17.75
CA GLU A 231 1.38 -26.57 -18.67
C GLU A 231 1.19 -25.22 -17.97
N LEU A 232 1.11 -25.19 -16.64
CA LEU A 232 0.79 -23.94 -15.97
C LEU A 232 1.90 -22.91 -16.16
N ARG A 233 3.15 -23.29 -15.85
CA ARG A 233 4.23 -22.31 -15.91
C ARG A 233 4.56 -21.86 -17.34
N THR A 234 3.95 -22.47 -18.37
CA THR A 234 4.18 -22.03 -19.74
C THR A 234 3.65 -20.63 -20.01
N HIS A 235 2.70 -20.14 -19.21
CA HIS A 235 2.18 -18.79 -19.39
CA HIS A 235 2.15 -18.80 -19.38
C HIS A 235 2.48 -17.87 -18.21
N VAL A 236 3.42 -18.24 -17.34
CA VAL A 236 3.74 -17.42 -16.18
C VAL A 236 5.02 -16.65 -16.44
N SER A 237 4.96 -15.33 -16.25
CA SER A 237 6.11 -14.47 -16.39
C SER A 237 7.17 -14.81 -15.34
N ARG A 238 8.44 -14.62 -15.73
CA ARG A 238 9.57 -14.85 -14.84
C ARG A 238 10.14 -13.52 -14.35
N CYS A 239 10.97 -13.60 -13.30
CA CYS A 239 11.49 -12.41 -12.66
C CYS A 239 12.88 -12.68 -12.10
N GLN A 240 13.57 -11.59 -11.79
CA GLN A 240 14.86 -11.66 -11.13
C GLN A 240 14.93 -10.51 -10.13
N VAL A 241 15.46 -10.82 -8.95
CA VAL A 241 15.63 -9.85 -7.88
C VAL A 241 17.09 -9.41 -7.89
N CYS A 242 17.30 -8.10 -7.86
CA CYS A 242 18.61 -7.51 -8.14
C CYS A 242 18.91 -6.40 -7.14
N MET A 243 20.20 -6.19 -6.91
CA MET A 243 20.70 -5.21 -5.96
C MET A 243 21.64 -4.24 -6.67
N GLY A 244 21.50 -2.94 -6.42
CA GLY A 244 22.36 -1.98 -7.09
C GLY A 244 22.44 -0.67 -6.35
N THR A 245 23.44 0.12 -6.72
CA THR A 245 23.67 1.41 -6.08
C THR A 245 22.63 2.44 -6.56
N GLY A 246 22.42 3.45 -5.74
CA GLY A 246 21.50 4.50 -6.10
C GLY A 246 20.04 4.16 -5.82
N TYR A 247 19.16 4.93 -6.44
CA TYR A 247 17.72 4.83 -6.25
C TYR A 247 17.05 4.85 -7.62
N LEU A 248 15.73 4.74 -7.63
CA LEU A 248 14.95 4.72 -8.85
C LEU A 248 14.03 5.93 -8.92
N LEU A 249 13.98 6.56 -10.09
CA LEU A 249 13.03 7.63 -10.38
C LEU A 249 12.14 7.17 -11.52
N VAL A 250 10.83 7.35 -11.36
CA VAL A 250 9.84 6.95 -12.35
C VAL A 250 9.10 8.18 -12.85
N LYS A 251 9.00 8.32 -14.18
CA LYS A 251 8.27 9.43 -14.78
C LYS A 251 7.18 8.89 -15.69
N HIS A 252 5.98 9.45 -15.61
CA HIS A 252 4.90 9.13 -16.54
C HIS A 252 4.63 10.33 -17.43
N SER A 253 4.66 10.13 -18.75
CA SER A 253 4.54 11.25 -19.66
C SER A 253 3.11 11.77 -19.76
N GLN A 254 2.13 10.89 -19.54
CA GLN A 254 0.72 11.18 -19.82
C GLN A 254 0.50 11.49 -21.29
N THR A 255 1.40 11.00 -22.15
CA THR A 255 1.31 11.11 -23.60
C THR A 255 1.70 9.75 -24.20
N ASP A 256 1.63 9.65 -25.53
CA ASP A 256 2.02 8.39 -26.16
C ASP A 256 3.50 8.34 -26.49
N GLN A 257 4.30 9.24 -25.94
CA GLN A 257 5.76 9.23 -26.07
C GLN A 257 6.41 8.95 -24.72
N GLU A 258 7.45 8.12 -24.73
CA GLU A 258 8.16 7.84 -23.48
C GLU A 258 8.80 9.12 -22.95
N PRO A 259 8.78 9.34 -21.64
CA PRO A 259 9.45 10.52 -21.10
C PRO A 259 10.95 10.34 -21.11
N MET A 260 11.66 11.46 -21.15
CA MET A 260 13.11 11.45 -21.04
C MET A 260 13.50 11.41 -19.57
N CYS A 261 14.56 10.66 -19.27
CA CYS A 261 15.09 10.67 -17.92
C CYS A 261 15.79 12.01 -17.67
N PRO A 262 15.75 12.51 -16.44
CA PRO A 262 16.45 13.77 -16.15
C PRO A 262 17.94 13.68 -16.47
N VAL A 263 18.53 14.85 -16.70
CA VAL A 263 19.95 14.90 -17.08
C VAL A 263 20.77 14.16 -16.03
N GLY A 264 21.68 13.30 -16.50
CA GLY A 264 22.54 12.54 -15.64
C GLY A 264 21.98 11.24 -15.11
N MET A 265 20.72 10.92 -15.43
CA MET A 265 20.06 9.72 -14.92
C MET A 265 19.93 8.69 -16.03
N ASN A 266 20.62 7.56 -15.87
CA ASN A 266 20.57 6.50 -16.87
C ASN A 266 19.20 5.81 -16.85
N LYS A 267 18.65 5.60 -18.05
CA LYS A 267 17.36 4.93 -18.19
C LYS A 267 17.54 3.42 -18.09
N LEU A 268 16.75 2.78 -17.22
CA LEU A 268 16.72 1.32 -17.13
C LEU A 268 15.76 0.73 -18.16
N TRP A 269 14.54 1.27 -18.25
CA TRP A 269 13.63 0.86 -19.31
C TRP A 269 12.52 1.89 -19.44
N SER A 270 11.81 1.81 -20.56
CA SER A 270 10.58 2.54 -20.81
C SER A 270 9.43 1.55 -20.92
N GLY A 271 8.21 2.06 -20.71
CA GLY A 271 7.07 1.18 -20.78
C GLY A 271 5.74 1.88 -20.86
N TYR A 272 4.71 1.23 -20.31
CA TYR A 272 3.34 1.72 -20.29
C TYR A 272 2.91 1.97 -18.85
N SER A 273 2.15 3.06 -18.63
CA SER A 273 1.79 3.53 -17.29
C SER A 273 0.65 2.69 -16.71
N LEU A 274 0.99 1.75 -15.83
CA LEU A 274 0.00 0.87 -15.21
C LEU A 274 -0.52 1.49 -13.91
N LEU A 275 -1.84 1.63 -13.80
CA LEU A 275 -2.46 2.18 -12.60
C LEU A 275 -2.95 1.09 -11.66
N TYR A 276 -3.77 0.15 -12.16
CA TYR A 276 -4.12 -0.99 -11.32
C TYR A 276 -4.70 -2.15 -12.13
N PHE A 277 -4.69 -3.32 -11.49
CA PHE A 277 -5.36 -4.52 -11.96
C PHE A 277 -6.65 -4.71 -11.16
N GLU A 278 -7.65 -5.32 -11.78
CA GLU A 278 -8.84 -5.74 -11.05
C GLU A 278 -9.05 -7.23 -11.29
N GLY A 279 -8.87 -8.03 -10.25
CA GLY A 279 -9.13 -9.46 -10.36
C GLY A 279 -10.16 -9.87 -9.33
N GLN A 280 -11.21 -10.59 -9.75
CA GLN A 280 -12.33 -10.93 -8.88
C GLN A 280 -12.93 -9.68 -8.23
N GLU A 281 -12.97 -8.59 -9.01
CA GLU A 281 -13.59 -7.32 -8.59
CA GLU A 281 -13.60 -7.33 -8.58
C GLU A 281 -12.88 -6.73 -7.38
N LYS A 282 -11.58 -6.98 -7.27
CA LYS A 282 -10.75 -6.45 -6.20
C LYS A 282 -9.55 -5.75 -6.83
N ALA A 283 -9.43 -4.44 -6.59
CA ALA A 283 -8.34 -3.69 -7.22
C ALA A 283 -7.03 -3.99 -6.52
N HIS A 284 -5.95 -4.10 -7.31
CA HIS A 284 -4.61 -4.05 -6.76
C HIS A 284 -3.80 -3.03 -7.56
N ASN A 285 -3.33 -1.99 -6.89
CA ASN A 285 -2.74 -0.81 -7.50
C ASN A 285 -1.22 -0.87 -7.47
N GLN A 286 -0.60 -0.14 -8.40
CA GLN A 286 0.82 0.15 -8.36
C GLN A 286 1.02 1.64 -8.06
N ASP A 287 1.94 1.94 -7.14
CA ASP A 287 2.29 3.33 -6.84
C ASP A 287 2.94 3.98 -8.07
N LEU A 288 2.39 5.10 -8.54
CA LEU A 288 2.90 5.71 -9.77
C LEU A 288 4.32 6.26 -9.62
N GLY A 289 4.84 6.38 -8.39
CA GLY A 289 6.23 6.74 -8.20
C GLY A 289 7.20 5.58 -8.14
N LEU A 290 6.71 4.35 -8.22
CA LEU A 290 7.54 3.15 -8.12
C LEU A 290 7.60 2.43 -9.46
N ALA A 291 8.69 1.68 -9.67
CA ALA A 291 8.93 1.13 -11.00
C ALA A 291 7.90 0.07 -11.39
N GLY A 292 7.16 -0.48 -10.42
CA GLY A 292 6.10 -1.43 -10.74
C GLY A 292 4.94 -0.82 -11.51
N SER A 293 4.83 0.50 -11.53
CA SER A 293 3.83 1.18 -12.35
C SER A 293 4.29 1.36 -13.79
N CYS A 294 5.46 0.89 -14.17
CA CYS A 294 5.97 1.04 -15.53
C CYS A 294 6.20 -0.35 -16.12
N LEU A 295 5.22 -0.86 -16.83
CA LEU A 295 5.27 -2.22 -17.36
C LEU A 295 5.79 -2.19 -18.80
N ALA A 296 6.82 -2.98 -19.08
CA ALA A 296 7.47 -2.92 -20.38
C ALA A 296 6.52 -3.36 -21.52
N ARG A 297 5.67 -4.35 -21.28
CA ARG A 297 4.78 -4.87 -22.31
C ARG A 297 3.33 -4.64 -21.89
N PHE A 298 2.57 -3.98 -22.76
CA PHE A 298 1.15 -3.71 -22.51
C PHE A 298 0.29 -4.90 -22.91
N SER A 299 -0.84 -5.07 -22.21
CA SER A 299 -1.91 -5.93 -22.70
C SER A 299 -3.18 -5.48 -22.01
N THR A 300 -4.33 -5.71 -22.65
CA THR A 300 -5.55 -5.44 -21.90
C THR A 300 -5.73 -6.46 -20.78
N MET A 301 -5.08 -7.62 -20.87
CA MET A 301 -5.07 -8.61 -19.79
C MET A 301 -3.63 -9.06 -19.56
N PRO A 302 -2.88 -8.35 -18.72
CA PRO A 302 -1.48 -8.71 -18.47
C PRO A 302 -1.27 -9.73 -17.36
N PHE A 303 -2.33 -10.27 -16.76
CA PHE A 303 -2.19 -11.25 -15.70
C PHE A 303 -3.10 -12.44 -15.96
N LEU A 304 -2.84 -13.53 -15.23
CA LEU A 304 -3.72 -14.69 -15.20
C LEU A 304 -3.97 -15.03 -13.75
N TYR A 305 -4.84 -16.00 -13.50
CA TYR A 305 -5.06 -16.44 -12.12
C TYR A 305 -5.18 -17.95 -12.06
N CYS A 306 -4.88 -18.50 -10.88
CA CYS A 306 -4.95 -19.93 -10.62
C CYS A 306 -5.83 -20.20 -9.42
N ASN A 307 -6.55 -21.32 -9.43
CA ASN A 307 -7.17 -21.82 -8.21
C ASN A 307 -6.31 -22.93 -7.61
N PRO A 308 -6.60 -23.37 -6.37
CA PRO A 308 -5.68 -24.31 -5.71
C PRO A 308 -5.63 -25.70 -6.33
N GLY A 309 -6.48 -25.99 -7.32
CA GLY A 309 -6.45 -27.31 -7.92
C GLY A 309 -5.53 -27.45 -9.12
N ASP A 310 -4.53 -26.56 -9.23
CA ASP A 310 -3.58 -26.58 -10.36
C ASP A 310 -4.28 -26.34 -11.68
N VAL A 311 -5.24 -25.42 -11.68
CA VAL A 311 -5.95 -25.00 -12.88
C VAL A 311 -5.85 -23.49 -12.93
N CYS A 312 -5.40 -22.97 -14.08
CA CYS A 312 -5.22 -21.53 -14.22
C CYS A 312 -5.99 -21.06 -15.44
N TYR A 313 -6.42 -19.81 -15.39
CA TYR A 313 -7.23 -19.21 -16.44
C TYR A 313 -6.59 -17.90 -16.88
N TYR A 314 -6.35 -17.76 -18.18
CA TYR A 314 -5.84 -16.52 -18.75
C TYR A 314 -6.93 -15.92 -19.62
N ALA A 315 -7.34 -14.70 -19.29
CA ALA A 315 -8.30 -13.94 -20.11
C ALA A 315 -9.58 -14.75 -20.36
N SER A 316 -9.97 -15.54 -19.35
CA SER A 316 -11.06 -16.51 -19.48
C SER A 316 -12.20 -16.23 -18.49
N ARG A 317 -12.25 -15.03 -17.92
CA ARG A 317 -13.37 -14.68 -17.08
C ARG A 317 -13.77 -13.23 -17.34
N ASN A 318 -13.70 -12.34 -16.35
CA ASN A 318 -14.26 -11.01 -16.53
C ASN A 318 -13.42 -9.94 -15.83
N ASP A 319 -12.09 -10.11 -15.84
CA ASP A 319 -11.20 -9.19 -15.13
C ASP A 319 -10.77 -8.03 -16.03
N LYS A 320 -10.09 -7.04 -15.46
CA LYS A 320 -9.78 -5.84 -16.23
C LYS A 320 -8.48 -5.21 -15.75
N SER A 321 -8.01 -4.22 -16.50
CA SER A 321 -6.80 -3.47 -16.17
C SER A 321 -7.05 -2.00 -16.43
N TYR A 322 -6.28 -1.16 -15.74
CA TYR A 322 -6.42 0.28 -15.80
C TYR A 322 -5.04 0.90 -15.98
N TRP A 323 -4.97 1.92 -16.85
CA TRP A 323 -3.73 2.56 -17.25
C TRP A 323 -3.89 4.07 -17.23
N LEU A 324 -2.84 4.78 -16.87
CA LEU A 324 -2.82 6.22 -17.07
C LEU A 324 -2.97 6.50 -18.56
N SER A 325 -3.65 7.59 -18.90
CA SER A 325 -4.00 7.81 -20.30
C SER A 325 -3.47 9.16 -20.80
N THR A 326 -3.70 9.41 -22.08
CA THR A 326 -3.19 10.57 -22.79
C THR A 326 -4.31 11.58 -23.02
N THR A 327 -4.04 12.60 -23.84
CA THR A 327 -5.08 13.52 -24.25
C THR A 327 -5.85 13.07 -25.49
N ALA A 328 -5.61 11.85 -25.98
CA ALA A 328 -6.34 11.38 -27.15
C ALA A 328 -7.84 11.54 -26.90
N PRO A 329 -8.60 11.98 -27.90
CA PRO A 329 -9.98 12.40 -27.64
C PRO A 329 -10.88 11.24 -27.24
N LEU A 330 -11.90 11.57 -26.47
CA LEU A 330 -12.86 10.58 -26.00
C LEU A 330 -13.47 9.84 -27.18
N PRO A 331 -13.35 8.52 -27.24
CA PRO A 331 -13.96 7.78 -28.34
C PRO A 331 -15.46 7.62 -28.11
N MET A 332 -16.17 7.45 -29.23
CA MET A 332 -17.62 7.28 -29.17
C MET A 332 -18.00 5.89 -28.67
N MET A 333 -17.16 4.89 -28.96
CA MET A 333 -17.33 3.51 -28.51
C MET A 333 -15.97 2.98 -28.07
N PRO A 334 -15.88 1.81 -27.44
CA PRO A 334 -14.57 1.29 -27.02
C PRO A 334 -13.61 1.16 -28.20
N VAL A 335 -12.33 1.37 -27.94
CA VAL A 335 -11.30 1.21 -28.98
C VAL A 335 -10.67 -0.16 -28.85
N ALA A 336 -10.30 -0.74 -29.99
CA ALA A 336 -9.83 -2.12 -30.07
C ALA A 336 -8.45 -2.19 -30.69
N GLU A 337 -7.66 -3.15 -30.20
CA GLU A 337 -6.37 -3.48 -30.78
C GLU A 337 -5.49 -2.25 -30.98
N ASP A 338 -5.10 -1.95 -32.22
CA ASP A 338 -4.11 -0.90 -32.45
C ASP A 338 -4.67 0.50 -32.25
N GLU A 339 -5.99 0.68 -32.22
CA GLU A 339 -6.53 1.99 -31.87
C GLU A 339 -6.32 2.32 -30.40
N ILE A 340 -5.94 1.33 -29.58
CA ILE A 340 -5.69 1.57 -28.15
C ILE A 340 -4.42 2.38 -27.94
N LYS A 341 -3.40 2.19 -28.78
CA LYS A 341 -2.06 2.74 -28.51
C LYS A 341 -2.06 4.24 -28.22
N PRO A 342 -2.74 5.09 -28.99
CA PRO A 342 -2.69 6.54 -28.69
C PRO A 342 -3.21 6.88 -27.32
N TYR A 343 -3.95 5.98 -26.67
CA TYR A 343 -4.60 6.28 -25.40
C TYR A 343 -3.74 6.00 -24.18
N ILE A 344 -2.66 5.23 -24.30
CA ILE A 344 -1.95 4.70 -23.15
C ILE A 344 -0.73 5.57 -22.87
N SER A 345 -0.68 6.12 -21.66
CA SER A 345 0.49 6.90 -21.23
C SER A 345 1.72 6.01 -21.16
N ARG A 346 2.87 6.61 -21.42
CA ARG A 346 4.17 5.93 -21.41
CA ARG A 346 4.17 5.93 -21.41
C ARG A 346 4.99 6.38 -20.21
N CYS A 347 6.01 5.60 -19.88
CA CYS A 347 6.79 5.87 -18.68
C CYS A 347 8.25 5.51 -18.93
N SER A 348 9.11 5.99 -18.03
CA SER A 348 10.52 5.62 -18.03
C SER A 348 10.99 5.43 -16.59
N VAL A 349 11.82 4.43 -16.37
CA VAL A 349 12.44 4.18 -15.07
C VAL A 349 13.91 4.56 -15.17
N CYS A 350 14.37 5.40 -14.25
CA CYS A 350 15.68 6.04 -14.33
C CYS A 350 16.47 5.80 -13.04
N GLU A 351 17.78 5.67 -13.20
CA GLU A 351 18.69 5.53 -12.06
C GLU A 351 19.00 6.91 -11.49
N ALA A 352 18.66 7.10 -10.21
CA ALA A 352 18.75 8.39 -9.54
C ALA A 352 19.80 8.38 -8.44
N PRO A 353 20.50 9.50 -8.23
CA PRO A 353 21.51 9.55 -7.15
C PRO A 353 20.92 9.80 -5.77
N ALA A 354 19.65 10.17 -5.67
CA ALA A 354 18.97 10.39 -4.39
C ALA A 354 17.51 10.02 -4.57
N ILE A 355 16.75 10.08 -3.48
CA ILE A 355 15.34 9.72 -3.50
C ILE A 355 14.50 10.96 -3.80
N ALA A 356 13.69 10.88 -4.85
CA ALA A 356 12.78 11.97 -5.19
C ALA A 356 11.52 11.88 -4.34
N ILE A 357 11.07 13.02 -3.83
CA ILE A 357 9.81 13.09 -3.09
C ILE A 357 8.94 14.18 -3.70
N ALA A 358 7.64 14.09 -3.44
CA ALA A 358 6.70 15.14 -3.76
C ALA A 358 6.39 15.98 -2.52
N VAL A 359 6.28 17.29 -2.71
CA VAL A 359 5.78 18.20 -1.67
C VAL A 359 4.53 18.86 -2.22
N HIS A 360 3.50 18.96 -1.38
CA HIS A 360 2.20 19.49 -1.77
C HIS A 360 1.89 20.77 -0.98
N SER A 361 1.33 21.76 -1.67
CA SER A 361 1.08 23.06 -1.04
C SER A 361 -0.30 23.17 -0.41
N GLN A 362 -1.28 22.40 -0.88
CA GLN A 362 -2.69 22.63 -0.52
C GLN A 362 -3.07 24.10 -0.71
N ASP A 363 -2.57 24.69 -1.79
CA ASP A 363 -2.63 26.12 -2.00
C ASP A 363 -2.53 26.41 -3.50
N VAL A 364 -3.03 27.59 -3.90
CA VAL A 364 -2.82 28.04 -5.28
C VAL A 364 -1.34 28.20 -5.56
N SER A 365 -0.53 28.50 -4.54
CA SER A 365 0.89 28.69 -4.75
C SER A 365 1.58 27.36 -4.98
N ILE A 366 2.52 27.34 -5.92
CA ILE A 366 3.36 26.15 -6.12
C ILE A 366 4.32 26.02 -4.95
N PRO A 367 4.43 24.86 -4.31
CA PRO A 367 5.38 24.74 -3.20
C PRO A 367 6.81 24.70 -3.71
N HIS A 368 7.69 25.43 -3.02
CA HIS A 368 9.11 25.41 -3.35
C HIS A 368 9.75 24.14 -2.81
N CYS A 369 10.80 23.70 -3.50
CA CYS A 369 11.64 22.64 -2.96
C CYS A 369 12.44 23.19 -1.79
N PRO A 370 12.75 22.35 -0.79
CA PRO A 370 13.63 22.80 0.29
C PRO A 370 14.97 23.27 -0.26
N ALA A 371 15.62 24.16 0.50
CA ALA A 371 16.85 24.80 0.04
C ALA A 371 17.91 23.75 -0.27
N GLY A 372 18.53 23.89 -1.46
CA GLY A 372 19.53 22.96 -1.93
C GLY A 372 19.02 21.75 -2.68
N TRP A 373 17.72 21.45 -2.61
CA TRP A 373 17.17 20.25 -3.23
C TRP A 373 16.92 20.45 -4.72
N ARG A 374 17.36 19.51 -5.54
CA ARG A 374 17.14 19.59 -6.97
C ARG A 374 15.67 19.37 -7.30
N SER A 375 15.10 20.26 -8.13
CA SER A 375 13.72 20.15 -8.57
C SER A 375 13.65 19.35 -9.86
N LEU A 376 12.68 18.44 -9.94
CA LEU A 376 12.49 17.61 -11.13
C LEU A 376 11.29 18.01 -11.96
N TRP A 377 10.15 18.31 -11.34
CA TRP A 377 9.00 18.81 -12.07
C TRP A 377 7.97 19.37 -11.11
N ILE A 378 6.99 20.05 -11.69
CA ILE A 378 5.89 20.70 -10.98
C ILE A 378 4.60 20.09 -11.51
N GLY A 379 3.60 19.92 -10.65
CA GLY A 379 2.34 19.36 -11.08
C GLY A 379 1.17 19.66 -10.17
N TYR A 380 0.21 18.74 -10.18
CA TYR A 380 -1.02 18.86 -9.42
C TYR A 380 -1.16 17.62 -8.53
N SER A 381 -1.78 17.79 -7.36
CA SER A 381 -1.77 16.77 -6.30
C SER A 381 -2.82 15.69 -6.57
N PHE A 382 -2.38 14.57 -7.14
CA PHE A 382 -3.25 13.46 -7.49
C PHE A 382 -3.34 12.47 -6.32
N LEU A 383 -4.55 12.29 -5.78
CA LEU A 383 -4.71 11.57 -4.52
C LEU A 383 -5.28 10.16 -4.67
N MET A 384 -6.42 9.99 -5.34
CA MET A 384 -7.00 8.65 -5.47
C MET A 384 -7.94 8.62 -6.67
N HIS A 385 -8.54 7.45 -6.89
CA HIS A 385 -9.35 7.20 -8.08
C HIS A 385 -10.30 6.05 -7.78
N THR A 386 -11.47 6.07 -8.43
CA THR A 386 -12.38 4.93 -8.43
C THR A 386 -12.96 4.79 -9.83
N ALA A 387 -13.38 3.57 -10.16
CA ALA A 387 -14.00 3.32 -11.46
C ALA A 387 -15.04 2.22 -11.33
N ALA A 388 -14.88 1.10 -12.04
CA ALA A 388 -15.87 0.02 -11.99
C ALA A 388 -16.15 -0.43 -10.55
N GLY A 389 -17.43 -0.66 -10.25
CA GLY A 389 -17.80 -0.96 -8.88
C GLY A 389 -17.46 0.25 -8.01
N ASP A 390 -16.99 0.00 -6.80
CA ASP A 390 -16.34 1.08 -6.07
C ASP A 390 -14.83 0.86 -5.97
N GLU A 391 -14.28 0.07 -6.89
CA GLU A 391 -12.89 -0.26 -6.75
C GLU A 391 -12.03 0.88 -7.30
N GLY A 392 -10.78 0.87 -6.88
CA GLY A 392 -9.85 1.94 -7.22
C GLY A 392 -8.63 1.85 -6.34
N GLY A 393 -8.07 3.00 -6.03
CA GLY A 393 -6.86 3.04 -5.24
C GLY A 393 -6.34 4.46 -5.17
N GLY A 394 -5.10 4.61 -4.74
CA GLY A 394 -4.62 5.98 -4.59
C GLY A 394 -3.11 6.03 -4.50
N GLN A 395 -2.60 7.26 -4.42
CA GLN A 395 -1.18 7.52 -4.42
C GLN A 395 -0.68 7.85 -3.03
N SER A 396 0.60 7.58 -2.80
CA SER A 396 1.27 8.08 -1.61
C SER A 396 1.69 9.53 -1.79
N LEU A 397 1.30 10.40 -0.87
CA LEU A 397 1.51 11.83 -1.07
C LEU A 397 2.97 12.25 -1.00
N VAL A 398 3.86 11.44 -0.41
CA VAL A 398 5.30 11.71 -0.50
C VAL A 398 5.91 11.11 -1.77
N SER A 399 5.16 10.28 -2.50
CA SER A 399 5.65 9.68 -3.74
C SER A 399 5.51 10.65 -4.90
N PRO A 400 6.49 10.69 -5.82
CA PRO A 400 6.30 11.49 -7.04
C PRO A 400 5.09 11.07 -7.85
N GLY A 401 4.56 9.87 -7.61
CA GLY A 401 3.36 9.43 -8.28
C GLY A 401 2.12 10.22 -7.92
N SER A 402 2.15 10.97 -6.82
CA SER A 402 1.05 11.86 -6.45
C SER A 402 1.17 13.24 -7.09
N CYS A 403 2.18 13.47 -7.92
CA CYS A 403 2.37 14.78 -8.55
C CYS A 403 2.32 14.60 -10.07
N LEU A 404 1.15 14.76 -10.67
CA LEU A 404 1.01 14.63 -12.12
C LEU A 404 1.24 15.99 -12.78
N GLU A 405 2.09 16.03 -13.80
CA GLU A 405 2.39 17.29 -14.45
C GLU A 405 1.16 17.92 -15.09
N ASP A 406 0.29 17.09 -15.66
CA ASP A 406 -0.92 17.56 -16.34
C ASP A 406 -2.13 17.20 -15.48
N PHE A 407 -2.90 18.22 -15.07
CA PHE A 407 -4.20 17.93 -14.48
C PHE A 407 -5.10 17.32 -15.54
N ARG A 408 -5.85 16.29 -15.17
CA ARG A 408 -6.86 15.68 -16.04
C ARG A 408 -8.03 15.25 -15.17
N ALA A 409 -9.24 15.70 -15.51
CA ALA A 409 -10.42 15.20 -14.80
C ALA A 409 -10.50 13.68 -14.89
N THR A 410 -10.09 13.11 -16.03
CA THR A 410 -10.08 11.65 -16.22
C THR A 410 -8.69 11.20 -16.65
N PRO A 411 -7.77 11.00 -15.71
CA PRO A 411 -6.37 10.73 -16.07
C PRO A 411 -6.05 9.28 -16.38
N PHE A 412 -7.05 8.39 -16.45
CA PHE A 412 -6.79 6.98 -16.70
C PHE A 412 -7.92 6.38 -17.54
N ILE A 413 -7.62 5.23 -18.15
CA ILE A 413 -8.56 4.54 -19.03
C ILE A 413 -8.71 3.09 -18.56
N GLU A 414 -9.89 2.52 -18.82
CA GLU A 414 -10.23 1.16 -18.43
C GLU A 414 -10.06 0.19 -19.60
N CYS A 415 -9.37 -0.93 -19.39
CA CYS A 415 -9.20 -1.92 -20.45
C CYS A 415 -9.87 -3.22 -20.03
N ASN A 416 -10.80 -3.70 -20.85
CA ASN A 416 -11.76 -4.70 -20.39
C ASN A 416 -11.30 -6.12 -20.68
N GLY A 417 -10.05 -6.39 -20.30
CA GLY A 417 -9.57 -7.75 -20.15
C GLY A 417 -9.56 -8.54 -21.45
N GLY A 418 -10.33 -9.63 -21.45
CA GLY A 418 -10.36 -10.51 -22.60
C GLY A 418 -11.11 -9.95 -23.80
N ARG A 419 -11.86 -8.86 -23.62
CA ARG A 419 -12.46 -8.20 -24.77
C ARG A 419 -11.39 -7.60 -25.66
N GLY A 420 -10.25 -7.24 -25.09
CA GLY A 420 -9.23 -6.60 -25.90
C GLY A 420 -9.55 -5.17 -26.26
N THR A 421 -10.48 -4.54 -25.54
CA THR A 421 -10.87 -3.16 -25.81
C THR A 421 -10.65 -2.29 -24.58
N CYS A 422 -10.57 -0.97 -24.81
CA CYS A 422 -10.48 0.00 -23.72
C CYS A 422 -11.50 1.10 -23.95
N HIS A 423 -11.94 1.74 -22.86
CA HIS A 423 -12.97 2.76 -22.99
C HIS A 423 -12.98 3.65 -21.75
N TYR A 424 -13.62 4.82 -21.91
CA TYR A 424 -13.95 5.70 -20.80
C TYR A 424 -15.42 5.53 -20.44
N TYR A 425 -15.68 5.14 -19.20
CA TYR A 425 -17.04 4.99 -18.67
C TYR A 425 -17.35 6.12 -17.69
N ALA A 426 -18.64 6.42 -17.54
CA ALA A 426 -19.09 7.57 -16.76
C ALA A 426 -18.82 7.47 -15.25
N ASN A 427 -18.49 6.30 -14.71
CA ASN A 427 -18.27 6.21 -13.27
C ASN A 427 -16.80 6.38 -12.87
N LYS A 428 -15.94 6.81 -13.79
CA LYS A 428 -14.55 7.08 -13.48
C LYS A 428 -14.44 8.39 -12.71
N TYR A 429 -13.82 8.35 -11.51
CA TYR A 429 -13.55 9.55 -10.73
C TYR A 429 -12.06 9.69 -10.46
N SER A 430 -11.54 10.92 -10.58
CA SER A 430 -10.24 11.24 -10.03
C SER A 430 -10.44 12.11 -8.79
N PHE A 431 -9.51 11.99 -7.83
CA PHE A 431 -9.57 12.76 -6.59
C PHE A 431 -8.24 13.47 -6.42
N TRP A 432 -8.31 14.76 -6.04
CA TRP A 432 -7.14 15.61 -5.96
C TRP A 432 -7.17 16.34 -4.63
N LEU A 433 -6.00 16.54 -4.01
CA LEU A 433 -5.94 17.45 -2.87
C LEU A 433 -6.39 18.83 -3.33
N THR A 434 -7.10 19.53 -2.44
CA THR A 434 -7.62 20.87 -2.75
C THR A 434 -6.64 21.96 -2.32
N THR A 435 -6.78 23.12 -2.96
CA THR A 435 -6.22 24.32 -2.38
C THR A 435 -7.13 24.77 -1.24
N ILE A 436 -6.51 25.36 -0.22
CA ILE A 436 -7.20 25.82 0.97
C ILE A 436 -6.77 27.26 1.19
N PRO A 437 -7.70 28.23 1.25
CA PRO A 437 -7.27 29.63 1.40
C PRO A 437 -6.83 29.98 2.82
N GLU A 438 -7.27 29.22 3.83
CA GLU A 438 -6.80 29.39 5.20
C GLU A 438 -5.31 29.10 5.30
N GLN A 439 -4.64 29.77 6.25
CA GLN A 439 -3.22 29.53 6.43
C GLN A 439 -2.96 28.06 6.82
N SER A 440 -3.80 27.47 7.67
CA SER A 440 -3.56 26.06 8.00
C SER A 440 -4.77 25.25 8.46
N PHE A 441 -5.90 25.87 8.77
CA PHE A 441 -6.99 25.11 9.39
C PHE A 441 -8.33 25.48 8.78
N GLN A 442 -8.99 24.49 8.19
CA GLN A 442 -10.31 24.66 7.56
C GLN A 442 -11.31 23.69 8.21
N GLY A 443 -12.02 24.17 9.23
CA GLY A 443 -13.01 23.34 9.89
C GLY A 443 -14.39 23.33 9.28
N SER A 444 -14.70 24.23 8.35
CA SER A 444 -16.03 24.36 7.76
C SER A 444 -15.90 24.60 6.26
N PRO A 445 -15.60 23.56 5.48
CA PRO A 445 -15.48 23.77 4.03
C PRO A 445 -16.82 24.16 3.43
N SER A 446 -16.75 25.02 2.40
CA SER A 446 -17.93 25.48 1.69
C SER A 446 -18.05 24.73 0.36
N ALA A 447 -19.17 24.04 0.15
CA ALA A 447 -19.36 23.20 -1.02
C ALA A 447 -19.37 24.03 -2.30
N ASP A 448 -18.86 23.45 -3.38
CA ASP A 448 -18.95 24.11 -4.67
C ASP A 448 -18.84 23.09 -5.79
N THR A 449 -19.37 23.46 -6.96
CA THR A 449 -19.27 22.67 -8.18
C THR A 449 -18.49 23.48 -9.20
N LEU A 450 -17.42 22.90 -9.75
CA LEU A 450 -16.46 23.65 -10.55
C LEU A 450 -16.39 23.12 -11.97
N LYS A 451 -16.34 24.02 -12.96
CA LYS A 451 -16.25 23.65 -14.37
C LYS A 451 -15.19 24.48 -15.10
N ALA A 452 -14.69 23.93 -16.20
CA ALA A 452 -13.95 24.68 -17.25
C ALA A 452 -12.77 25.43 -16.62
N GLY A 453 -12.65 26.74 -16.85
CA GLY A 453 -11.54 27.52 -16.38
C GLY A 453 -11.56 27.84 -14.91
N LEU A 454 -12.55 27.35 -14.19
CA LEU A 454 -12.63 27.64 -12.76
C LEU A 454 -12.13 26.49 -11.91
N ILE A 455 -11.68 25.40 -12.53
CA ILE A 455 -11.27 24.22 -11.78
C ILE A 455 -9.88 24.40 -11.17
N ARG A 456 -8.91 24.82 -11.98
CA ARG A 456 -7.51 24.56 -11.64
C ARG A 456 -7.05 25.32 -10.39
N THR A 457 -7.66 26.47 -10.08
CA THR A 457 -7.28 27.19 -8.88
C THR A 457 -7.75 26.51 -7.60
N HIS A 458 -8.45 25.38 -7.72
CA HIS A 458 -8.87 24.61 -6.58
C HIS A 458 -8.11 23.30 -6.43
N ILE A 459 -7.15 23.02 -7.31
CA ILE A 459 -6.34 21.81 -7.25
C ILE A 459 -5.00 22.15 -6.62
N SER A 460 -4.69 21.50 -5.50
CA SER A 460 -3.40 21.66 -4.84
C SER A 460 -2.25 21.45 -5.83
N ARG A 461 -1.17 22.20 -5.63
CA ARG A 461 0.01 22.12 -6.48
C ARG A 461 1.10 21.32 -5.80
N CYS A 462 2.03 20.80 -6.60
CA CYS A 462 3.12 20.04 -6.01
C CYS A 462 4.39 20.26 -6.80
N GLN A 463 5.52 19.92 -6.16
CA GLN A 463 6.81 19.90 -6.82
C GLN A 463 7.55 18.62 -6.38
N VAL A 464 8.27 18.01 -7.32
CA VAL A 464 9.06 16.81 -7.02
C VAL A 464 10.52 17.22 -6.88
N CYS A 465 11.14 16.79 -5.77
CA CYS A 465 12.42 17.29 -5.33
C CYS A 465 13.29 16.14 -4.85
N MET A 466 14.60 16.22 -5.10
CA MET A 466 15.53 15.19 -4.67
C MET A 466 16.04 15.51 -3.28
N ALA A 467 15.75 14.62 -2.31
CA ALA A 467 16.16 14.82 -0.91
C ALA A 467 17.60 14.36 -0.72
N PRO A 468 18.38 15.10 0.08
CA PRO A 468 19.79 14.69 0.30
C PRO A 468 19.95 13.41 1.10
N GLY A 469 18.96 13.03 1.91
CA GLY A 469 19.05 11.81 2.69
C GLY A 469 17.73 11.06 2.76
N PHE A 470 17.19 10.91 3.97
CA PHE A 470 15.96 10.14 4.20
C PHE A 470 15.00 10.97 5.05
N LEU A 471 13.79 10.45 5.21
CA LEU A 471 12.75 11.16 5.94
C LEU A 471 12.20 10.26 7.04
N VAL A 472 11.99 10.83 8.22
CA VAL A 472 11.27 10.16 9.29
C VAL A 472 10.09 11.04 9.68
N THR A 473 8.93 10.42 9.85
CA THR A 473 7.71 11.12 10.22
C THR A 473 7.30 10.67 11.61
N ARG A 474 6.97 11.64 12.48
CA ARG A 474 6.61 11.36 13.86
C ARG A 474 5.32 12.08 14.19
N HIS A 475 4.47 11.43 14.99
CA HIS A 475 3.17 11.97 15.36
C HIS A 475 3.09 12.15 16.86
N SER A 476 2.74 13.35 17.30
CA SER A 476 2.65 13.62 18.73
C SER A 476 1.39 13.05 19.38
N GLN A 477 0.32 12.84 18.61
CA GLN A 477 -0.98 12.48 19.16
C GLN A 477 -1.46 13.49 20.20
N THR A 478 -0.99 14.73 20.11
CA THR A 478 -1.41 15.86 20.94
C THR A 478 -1.50 17.10 20.06
N ILE A 479 -1.95 18.22 20.64
CA ILE A 479 -1.98 19.47 19.90
C ILE A 479 -0.61 20.10 19.74
N ASP A 480 0.42 19.56 20.38
CA ASP A 480 1.77 20.11 20.31
C ASP A 480 2.57 19.39 19.23
N ASP A 481 3.40 20.16 18.51
CA ASP A 481 4.32 19.56 17.55
C ASP A 481 5.23 18.57 18.26
N PRO A 482 5.47 17.39 17.70
CA PRO A 482 6.48 16.50 18.28
C PRO A 482 7.88 16.98 17.96
N GLN A 483 8.82 16.63 18.83
CA GLN A 483 10.23 16.88 18.56
C GLN A 483 10.75 15.84 17.57
N CYS A 484 11.65 16.28 16.69
CA CYS A 484 12.34 15.30 15.86
C CYS A 484 13.25 14.44 16.74
N PRO A 485 13.31 13.14 16.51
CA PRO A 485 14.11 12.26 17.36
C PRO A 485 15.59 12.51 17.17
N SER A 486 16.37 11.95 18.10
CA SER A 486 17.81 12.17 18.14
C SER A 486 18.47 11.80 16.81
N GLY A 487 19.29 12.69 16.30
CA GLY A 487 20.00 12.48 15.06
C GLY A 487 19.26 12.88 13.80
N THR A 488 18.09 13.50 13.93
CA THR A 488 17.31 13.98 12.79
C THR A 488 17.01 15.46 12.97
N LYS A 489 16.67 16.13 11.85
CA LYS A 489 16.51 17.57 11.81
C LYS A 489 15.14 17.89 11.20
N ILE A 490 14.45 18.86 11.81
CA ILE A 490 13.11 19.22 11.38
C ILE A 490 13.13 19.73 9.94
N LEU A 491 12.12 19.31 9.17
CA LEU A 491 11.82 19.84 7.85
C LEU A 491 10.53 20.64 7.84
N TYR A 492 9.44 20.08 8.36
CA TYR A 492 8.21 20.85 8.54
C TYR A 492 7.31 20.11 9.55
N HIS A 493 6.34 20.85 10.07
CA HIS A 493 5.29 20.33 10.94
C HIS A 493 3.95 20.36 10.23
N GLY A 494 3.02 19.55 10.71
CA GLY A 494 1.68 19.56 10.17
C GLY A 494 0.67 18.86 11.06
N TYR A 495 -0.40 18.40 10.42
CA TYR A 495 -1.48 17.64 11.04
C TYR A 495 -1.45 16.18 10.55
N SER A 496 -1.83 15.26 11.45
CA SER A 496 -1.71 13.81 11.26
C SER A 496 -2.90 13.25 10.48
N LEU A 497 -2.73 13.05 9.18
CA LEU A 497 -3.76 12.46 8.33
C LEU A 497 -3.64 10.94 8.35
N LEU A 498 -4.74 10.26 8.69
CA LEU A 498 -4.71 8.80 8.73
C LEU A 498 -5.20 8.19 7.42
N TYR A 499 -6.39 8.58 6.95
CA TYR A 499 -6.83 8.17 5.63
C TYR A 499 -7.99 9.05 5.18
N VAL A 500 -8.41 8.83 3.93
CA VAL A 500 -9.57 9.50 3.37
C VAL A 500 -10.50 8.43 2.82
N GLN A 501 -11.74 8.83 2.61
CA GLN A 501 -12.74 7.93 2.03
C GLN A 501 -13.51 8.74 0.99
N GLY A 502 -13.34 8.37 -0.28
CA GLY A 502 -13.97 9.07 -1.38
C GLY A 502 -14.83 8.10 -2.19
N ASN A 503 -16.08 8.48 -2.41
CA ASN A 503 -17.01 7.61 -3.13
C ASN A 503 -16.99 6.21 -2.53
N GLU A 504 -16.95 6.16 -1.18
CA GLU A 504 -17.05 4.95 -0.36
C GLU A 504 -15.81 4.07 -0.41
N ARG A 505 -14.72 4.54 -1.00
CA ARG A 505 -13.45 3.81 -1.04
C ARG A 505 -12.43 4.47 -0.12
N ALA A 506 -11.86 3.70 0.80
CA ALA A 506 -10.86 4.21 1.71
C ALA A 506 -9.47 4.19 1.08
N HIS A 507 -8.66 5.21 1.39
CA HIS A 507 -7.28 5.26 0.90
C HIS A 507 -6.41 5.90 1.98
N GLY A 508 -5.42 5.15 2.49
CA GLY A 508 -4.59 5.62 3.57
C GLY A 508 -3.26 6.23 3.15
N GLN A 509 -2.67 6.98 4.08
CA GLN A 509 -1.29 7.45 4.01
C GLN A 509 -0.54 6.78 5.15
N ASP A 510 0.41 5.91 4.84
CA ASP A 510 1.17 5.23 5.90
C ASP A 510 1.73 6.26 6.88
N LEU A 511 1.48 6.02 8.18
CA LEU A 511 1.86 6.96 9.22
C LEU A 511 3.38 7.12 9.37
N GLY A 512 4.17 6.24 8.77
CA GLY A 512 5.60 6.44 8.75
C GLY A 512 6.11 7.27 7.60
N THR A 513 5.23 7.75 6.74
CA THR A 513 5.59 8.54 5.56
C THR A 513 5.10 9.97 5.69
N ALA A 514 5.79 10.88 5.00
CA ALA A 514 5.45 12.30 5.08
C ALA A 514 4.07 12.60 4.53
N GLY A 515 3.48 11.68 3.77
CA GLY A 515 2.12 11.83 3.28
C GLY A 515 1.08 11.84 4.38
N SER A 516 1.40 11.29 5.54
CA SER A 516 0.50 11.39 6.69
C SER A 516 0.66 12.70 7.47
N CYS A 517 1.47 13.63 6.99
CA CYS A 517 1.70 14.90 7.69
C CYS A 517 1.38 16.04 6.73
N LEU A 518 0.19 16.62 6.86
CA LEU A 518 -0.27 17.67 5.96
C LEU A 518 -0.15 19.04 6.62
N ARG A 519 0.34 20.02 5.87
CA ARG A 519 0.55 21.34 6.47
C ARG A 519 -0.78 22.04 6.77
N LYS A 520 -1.84 21.70 6.05
CA LYS A 520 -3.15 22.30 6.26
C LYS A 520 -4.18 21.22 6.57
N PHE A 521 -5.00 21.49 7.58
CA PHE A 521 -6.11 20.61 7.93
C PHE A 521 -7.38 21.07 7.21
N SER A 522 -8.19 20.10 6.80
CA SER A 522 -9.59 20.35 6.45
C SER A 522 -10.38 19.11 6.80
N THR A 523 -11.66 19.29 7.18
CA THR A 523 -12.51 18.10 7.23
C THR A 523 -12.68 17.48 5.85
N MET A 524 -12.43 18.23 4.77
CA MET A 524 -12.54 17.71 3.41
C MET A 524 -11.36 18.24 2.59
N PRO A 525 -10.19 17.61 2.72
CA PRO A 525 -8.99 18.10 2.05
C PRO A 525 -8.86 17.68 0.59
N PHE A 526 -9.93 17.18 -0.03
CA PHE A 526 -9.86 16.76 -1.41
C PHE A 526 -11.20 17.05 -2.10
N LEU A 527 -11.20 16.93 -3.43
CA LEU A 527 -12.39 17.02 -4.26
C LEU A 527 -12.33 15.90 -5.30
N PHE A 528 -13.41 15.73 -6.06
CA PHE A 528 -13.40 14.72 -7.12
C PHE A 528 -13.90 15.30 -8.42
N CYS A 529 -13.46 14.71 -9.53
CA CYS A 529 -13.73 15.21 -10.87
C CYS A 529 -14.22 14.07 -11.76
N ASN A 530 -15.11 14.40 -12.68
CA ASN A 530 -15.86 13.37 -13.41
C ASN A 530 -15.55 13.42 -14.91
N ILE A 531 -16.17 12.50 -15.65
CA ILE A 531 -15.86 12.31 -17.06
C ILE A 531 -16.27 13.52 -17.87
N ASN A 532 -17.22 14.31 -17.36
CA ASN A 532 -17.70 15.51 -18.02
C ASN A 532 -16.86 16.74 -17.69
N ASN A 533 -15.72 16.56 -17.02
CA ASN A 533 -14.83 17.66 -16.64
C ASN A 533 -15.54 18.62 -15.68
N VAL A 534 -16.33 18.06 -14.78
CA VAL A 534 -16.94 18.82 -13.68
C VAL A 534 -16.38 18.26 -12.38
N CYS A 535 -15.94 19.15 -11.50
CA CYS A 535 -15.42 18.76 -10.19
C CYS A 535 -16.40 19.19 -9.10
N ASN A 536 -16.56 18.36 -8.08
CA ASN A 536 -17.45 18.64 -6.96
C ASN A 536 -16.64 18.60 -5.68
N PHE A 537 -16.71 19.68 -4.91
CA PHE A 537 -15.99 19.81 -3.65
C PHE A 537 -16.96 19.87 -2.49
N ALA A 538 -16.75 18.99 -1.50
CA ALA A 538 -17.52 18.96 -0.26
C ALA A 538 -19.03 19.03 -0.50
N SER A 539 -19.48 18.35 -1.55
CA SER A 539 -20.88 18.39 -1.94
C SER A 539 -21.60 17.06 -1.76
N ARG A 540 -20.89 15.99 -1.42
CA ARG A 540 -21.54 14.69 -1.40
C ARG A 540 -21.48 14.10 0.00
N ASN A 541 -20.94 12.91 0.19
CA ASN A 541 -20.86 12.32 1.55
C ASN A 541 -19.52 11.63 1.77
N ASP A 542 -18.43 12.40 1.65
CA ASP A 542 -17.09 11.82 1.78
C ASP A 542 -16.48 12.17 3.15
N TYR A 543 -15.35 11.53 3.44
CA TYR A 543 -14.78 11.54 4.79
C TYR A 543 -13.28 11.79 4.74
N SER A 544 -12.76 12.30 5.87
CA SER A 544 -11.34 12.30 6.17
C SER A 544 -11.14 11.83 7.61
N TYR A 545 -9.99 11.22 7.87
CA TYR A 545 -9.71 10.66 9.19
C TYR A 545 -8.32 11.10 9.64
N TRP A 546 -8.22 11.47 10.92
CA TRP A 546 -7.00 12.06 11.43
C TRP A 546 -6.66 11.44 12.78
N LEU A 547 -5.37 11.27 13.06
CA LEU A 547 -5.00 10.89 14.41
C LEU A 547 -5.46 11.99 15.36
N SER A 548 -5.82 11.60 16.58
CA SER A 548 -6.41 12.57 17.48
C SER A 548 -5.62 12.69 18.77
N THR A 549 -6.04 13.64 19.59
CA THR A 549 -5.37 14.03 20.84
C THR A 549 -6.09 13.42 22.04
N PRO A 550 -5.61 13.64 23.26
CA PRO A 550 -6.36 13.21 24.45
C PRO A 550 -7.59 14.06 24.77
N GLU A 551 -7.92 15.05 23.94
CA GLU A 551 -9.09 15.90 24.18
C GLU A 551 -10.33 15.03 24.39
N PRO A 552 -11.02 15.18 25.51
CA PRO A 552 -12.20 14.33 25.77
C PRO A 552 -13.30 14.60 24.75
N MET A 553 -13.97 13.52 24.39
CA MET A 553 -15.19 13.64 23.63
C MET A 553 -16.18 14.51 24.40
N PRO A 554 -16.91 15.40 23.72
CA PRO A 554 -17.91 16.22 24.42
C PRO A 554 -18.97 15.35 25.10
N MET A 555 -19.37 15.77 26.30
CA MET A 555 -20.41 15.04 27.01
CA MET A 555 -20.43 15.05 27.03
C MET A 555 -21.65 14.84 26.15
N SER A 556 -22.00 15.85 25.35
CA SER A 556 -23.16 15.77 24.47
C SER A 556 -23.06 14.64 23.45
N MET A 557 -21.84 14.19 23.14
CA MET A 557 -21.54 13.21 22.09
C MET A 557 -21.98 13.66 20.70
N ALA A 558 -22.28 14.94 20.51
CA ALA A 558 -22.70 15.49 19.23
C ALA A 558 -21.49 15.91 18.40
N PRO A 559 -21.65 15.92 17.07
CA PRO A 559 -20.49 16.24 16.20
C PRO A 559 -19.89 17.60 16.51
N ILE A 560 -18.55 17.68 16.36
CA ILE A 560 -17.76 18.89 16.59
C ILE A 560 -17.61 19.62 15.26
N THR A 561 -17.69 20.96 15.28
CA THR A 561 -17.68 21.71 14.03
C THR A 561 -16.68 22.85 14.07
N GLY A 562 -16.16 23.19 12.89
CA GLY A 562 -15.44 24.45 12.72
C GLY A 562 -14.19 24.53 13.57
N GLU A 563 -13.95 25.71 14.13
CA GLU A 563 -12.75 25.94 14.94
C GLU A 563 -12.68 25.01 16.14
N ASN A 564 -13.83 24.53 16.64
CA ASN A 564 -13.85 23.62 17.77
C ASN A 564 -13.18 22.29 17.47
N ILE A 565 -12.87 22.00 16.21
CA ILE A 565 -12.22 20.75 15.84
C ILE A 565 -10.74 20.78 16.21
N ARG A 566 -10.12 21.96 16.21
CA ARG A 566 -8.67 22.06 16.35
C ARG A 566 -8.09 21.31 17.55
N PRO A 567 -8.64 21.42 18.76
CA PRO A 567 -8.02 20.71 19.91
C PRO A 567 -8.00 19.19 19.77
N PHE A 568 -8.73 18.61 18.81
CA PHE A 568 -8.81 17.18 18.65
C PHE A 568 -7.79 16.59 17.69
N ILE A 569 -7.10 17.41 16.89
CA ILE A 569 -6.30 16.89 15.77
C ILE A 569 -4.84 16.79 16.19
N SER A 570 -4.26 15.62 15.98
CA SER A 570 -2.85 15.39 16.30
C SER A 570 -1.94 16.15 15.35
N ARG A 571 -0.77 16.54 15.87
CA ARG A 571 0.27 17.22 15.09
C ARG A 571 1.38 16.25 14.73
N CYS A 572 2.20 16.64 13.75
CA CYS A 572 3.26 15.76 13.28
C CYS A 572 4.48 16.57 12.86
N ALA A 573 5.61 15.88 12.78
CA ALA A 573 6.85 16.45 12.27
C ALA A 573 7.42 15.52 11.22
N VAL A 574 7.94 16.12 10.14
CA VAL A 574 8.72 15.40 9.14
C VAL A 574 10.16 15.86 9.27
N CYS A 575 11.06 14.89 9.47
CA CYS A 575 12.44 15.17 9.82
C CYS A 575 13.39 14.51 8.83
N GLU A 576 14.50 15.18 8.57
CA GLU A 576 15.53 14.62 7.70
C GLU A 576 16.43 13.69 8.50
N ALA A 577 16.62 12.46 8.00
CA ALA A 577 17.41 11.45 8.67
C ALA A 577 18.65 11.11 7.85
N PRO A 578 19.78 10.78 8.49
CA PRO A 578 20.97 10.37 7.74
C PRO A 578 20.96 8.93 7.25
N ALA A 579 20.00 8.10 7.69
CA ALA A 579 19.95 6.71 7.27
C ALA A 579 18.50 6.23 7.35
N MET A 580 18.30 4.98 6.94
CA MET A 580 16.96 4.40 6.91
C MET A 580 16.47 4.09 8.33
N VAL A 581 15.16 4.10 8.49
CA VAL A 581 14.53 3.80 9.77
C VAL A 581 13.52 2.68 9.57
N MET A 582 13.35 1.86 10.61
CA MET A 582 12.39 0.77 10.58
C MET A 582 11.75 0.60 11.95
N ALA A 583 10.66 -0.16 11.99
CA ALA A 583 10.05 -0.61 13.22
C ALA A 583 10.33 -2.10 13.41
N VAL A 584 10.54 -2.52 14.66
CA VAL A 584 10.54 -3.93 15.01
C VAL A 584 9.50 -4.15 16.10
N HIS A 585 8.90 -5.34 16.10
CA HIS A 585 7.79 -5.66 17.00
C HIS A 585 8.12 -6.92 17.80
N SER A 586 7.84 -6.88 19.11
CA SER A 586 8.15 -8.01 19.97
C SER A 586 7.07 -9.08 19.98
N GLN A 587 5.82 -8.69 19.75
CA GLN A 587 4.67 -9.56 20.02
C GLN A 587 4.67 -10.04 21.47
N THR A 588 5.20 -9.22 22.37
CA THR A 588 5.09 -9.42 23.81
C THR A 588 4.94 -8.07 24.48
N ILE A 589 4.85 -8.09 25.82
CA ILE A 589 4.84 -6.86 26.60
C ILE A 589 6.23 -6.25 26.76
N GLN A 590 7.27 -6.93 26.30
CA GLN A 590 8.63 -6.41 26.38
C GLN A 590 8.97 -5.56 25.16
N ILE A 591 9.82 -4.57 25.37
CA ILE A 591 10.29 -3.76 24.23
C ILE A 591 11.23 -4.62 23.37
N PRO A 592 11.05 -4.67 22.06
CA PRO A 592 12.02 -5.39 21.22
C PRO A 592 13.27 -4.56 21.03
N PRO A 593 14.45 -5.17 21.13
CA PRO A 593 15.68 -4.41 20.94
C PRO A 593 15.87 -4.05 19.47
N CYS A 594 16.51 -2.91 19.25
CA CYS A 594 16.88 -2.54 17.89
C CYS A 594 17.89 -3.56 17.35
N PRO A 595 17.91 -3.79 16.04
CA PRO A 595 18.90 -4.71 15.47
C PRO A 595 20.32 -4.22 15.71
N SER A 596 21.28 -5.11 15.51
CA SER A 596 22.67 -4.75 15.64
C SER A 596 23.06 -3.79 14.52
N GLY A 597 23.68 -2.68 14.90
CA GLY A 597 23.98 -1.63 13.96
C GLY A 597 22.94 -0.53 13.87
N TRP A 598 21.84 -0.66 14.62
CA TRP A 598 20.74 0.30 14.60
C TRP A 598 20.53 0.87 16.00
N SER A 599 20.18 2.15 16.07
CA SER A 599 19.94 2.82 17.34
C SER A 599 18.49 3.28 17.43
N SER A 600 18.05 3.51 18.67
CA SER A 600 16.63 3.72 18.95
C SER A 600 16.22 5.17 18.73
N LEU A 601 15.07 5.35 18.08
CA LEU A 601 14.44 6.67 17.94
C LEU A 601 13.26 6.86 18.89
N TRP A 602 12.40 5.85 19.02
CA TRP A 602 11.35 5.88 20.04
C TRP A 602 10.80 4.47 20.21
N ILE A 603 10.00 4.30 21.26
CA ILE A 603 9.28 3.04 21.51
C ILE A 603 7.78 3.32 21.49
N GLY A 604 7.01 2.26 21.30
CA GLY A 604 5.57 2.41 21.27
C GLY A 604 4.80 1.10 21.27
N TYR A 605 3.64 1.10 20.61
CA TYR A 605 2.72 -0.02 20.58
C TYR A 605 2.40 -0.38 19.14
N SER A 606 2.24 -1.69 18.86
CA SER A 606 2.15 -2.21 17.49
C SER A 606 0.75 -1.98 16.91
N PHE A 607 0.66 -1.02 16.00
CA PHE A 607 -0.58 -0.55 15.40
C PHE A 607 -0.67 -1.06 13.96
N VAL A 608 -1.70 -1.85 13.65
CA VAL A 608 -1.76 -2.63 12.41
C VAL A 608 -2.76 -2.05 11.40
N MET A 609 -4.00 -1.82 11.81
CA MET A 609 -5.01 -1.30 10.90
C MET A 609 -6.18 -0.72 11.69
N HIS A 610 -7.21 -0.29 10.97
CA HIS A 610 -8.37 0.41 11.55
C HIS A 610 -9.51 0.36 10.55
N THR A 611 -10.74 0.43 11.06
CA THR A 611 -11.93 0.63 10.24
C THR A 611 -12.84 1.66 10.89
N SER A 612 -13.67 2.31 10.07
CA SER A 612 -14.67 3.19 10.65
C SER A 612 -15.93 3.13 9.79
N ALA A 613 -16.30 4.25 9.16
CA ALA A 613 -17.56 4.29 8.44
C ALA A 613 -17.59 3.23 7.34
N GLY A 614 -18.70 2.50 7.25
CA GLY A 614 -18.85 1.48 6.22
C GLY A 614 -17.88 0.32 6.38
N ALA A 615 -17.24 0.22 7.54
CA ALA A 615 -16.20 -0.78 7.79
C ALA A 615 -15.03 -0.64 6.81
N GLU A 616 -14.88 0.52 6.18
CA GLU A 616 -13.70 0.79 5.36
C GLU A 616 -12.55 1.25 6.23
N GLY A 617 -11.33 1.14 5.72
CA GLY A 617 -10.20 1.56 6.51
C GLY A 617 -8.92 1.35 5.74
N SER A 618 -7.82 1.34 6.46
CA SER A 618 -6.51 1.16 5.88
C SER A 618 -5.61 0.66 7.00
N GLY A 619 -4.32 0.54 6.72
CA GLY A 619 -3.44 0.03 7.76
C GLY A 619 -2.00 0.45 7.54
N GLN A 620 -1.13 -0.08 8.39
CA GLN A 620 0.27 0.29 8.40
C GLN A 620 1.13 -0.87 7.90
N ALA A 621 2.28 -0.51 7.32
CA ALA A 621 3.33 -1.49 7.05
C ALA A 621 4.06 -1.80 8.36
N LEU A 622 4.17 -3.08 8.71
CA LEU A 622 4.74 -3.42 10.01
C LEU A 622 6.23 -3.12 10.12
N ALA A 623 6.93 -2.92 9.01
CA ALA A 623 8.30 -2.45 9.07
C ALA A 623 8.39 -0.93 9.09
N SER A 624 7.27 -0.22 8.95
CA SER A 624 7.25 1.24 8.94
C SER A 624 7.14 1.80 10.36
N PRO A 625 7.79 2.90 10.67
CA PRO A 625 7.54 3.54 11.98
C PRO A 625 6.08 3.89 12.22
N GLY A 626 5.28 3.98 11.15
CA GLY A 626 3.87 4.27 11.34
C GLY A 626 3.10 3.16 12.02
N SER A 627 3.64 1.93 12.03
CA SER A 627 3.04 0.87 12.83
C SER A 627 3.48 0.90 14.28
N CYS A 628 4.18 1.94 14.72
CA CYS A 628 4.66 2.04 16.11
C CYS A 628 4.19 3.37 16.70
N LEU A 629 2.98 3.39 17.26
CA LEU A 629 2.45 4.59 17.88
C LEU A 629 2.94 4.71 19.31
N GLU A 630 3.36 5.93 19.67
CA GLU A 630 4.01 6.11 20.96
C GLU A 630 3.03 6.11 22.13
N GLU A 631 1.77 6.46 21.88
CA GLU A 631 0.73 6.45 22.90
C GLU A 631 -0.34 5.45 22.49
N PHE A 632 -0.55 4.42 23.30
CA PHE A 632 -1.66 3.51 23.03
C PHE A 632 -2.98 4.22 23.31
N ARG A 633 -3.94 4.09 22.39
CA ARG A 633 -5.27 4.67 22.54
C ARG A 633 -6.26 3.70 21.94
N SER A 634 -7.30 3.33 22.69
CA SER A 634 -8.33 2.50 22.07
C SER A 634 -9.03 3.24 20.94
N ALA A 635 -9.07 4.58 21.03
CA ALA A 635 -9.65 5.45 20.00
C ALA A 635 -8.57 6.42 19.55
N PRO A 636 -7.65 5.99 18.70
CA PRO A 636 -6.54 6.87 18.29
C PRO A 636 -6.87 7.82 17.15
N PHE A 637 -8.06 7.78 16.55
CA PHE A 637 -8.32 8.64 15.40
C PHE A 637 -9.77 9.14 15.44
N ILE A 638 -10.03 10.25 14.72
CA ILE A 638 -11.35 10.86 14.68
C ILE A 638 -11.84 10.88 13.24
N GLU A 639 -13.18 10.84 13.09
CA GLU A 639 -13.80 10.82 11.75
C GLU A 639 -14.37 12.18 11.42
N CYS A 640 -14.04 12.71 10.24
CA CYS A 640 -14.54 14.01 9.78
C CYS A 640 -15.27 13.87 8.45
N HIS A 641 -16.14 14.84 8.16
CA HIS A 641 -17.01 14.78 6.99
C HIS A 641 -16.87 16.05 6.15
N GLY A 642 -17.20 15.92 4.86
CA GLY A 642 -17.28 17.09 4.02
C GLY A 642 -18.24 18.15 4.54
N ARG A 643 -19.23 17.72 5.34
CA ARG A 643 -20.18 18.64 5.97
C ARG A 643 -19.53 19.56 7.01
N GLY A 644 -18.27 19.37 7.34
CA GLY A 644 -17.63 20.22 8.33
C GLY A 644 -17.82 19.76 9.76
N THR A 645 -18.07 18.48 9.97
CA THR A 645 -18.29 17.89 11.29
C THR A 645 -17.25 16.78 11.51
N CYS A 646 -16.87 16.57 12.78
CA CYS A 646 -16.03 15.45 13.20
C CYS A 646 -16.63 14.81 14.44
N ASN A 647 -16.46 13.49 14.56
CA ASN A 647 -16.92 12.82 15.78
C ASN A 647 -16.20 11.50 15.94
N TYR A 648 -16.30 10.96 17.15
CA TYR A 648 -15.98 9.56 17.42
C TYR A 648 -17.28 8.78 17.35
N TYR A 649 -17.31 7.73 16.54
CA TYR A 649 -18.49 6.89 16.43
C TYR A 649 -18.19 5.49 16.98
N ALA A 650 -19.25 4.79 17.38
CA ALA A 650 -19.08 3.52 18.09
C ALA A 650 -18.45 2.43 17.22
N ASN A 651 -18.47 2.56 15.91
CA ASN A 651 -17.86 1.55 15.04
C ASN A 651 -16.42 1.86 14.67
N ALA A 652 -15.79 2.84 15.30
CA ALA A 652 -14.38 3.10 15.04
C ALA A 652 -13.56 2.04 15.75
N TYR A 653 -12.82 1.24 14.99
CA TYR A 653 -12.05 0.12 15.55
C TYR A 653 -10.58 0.34 15.26
N SER A 654 -9.74 0.11 16.27
CA SER A 654 -8.29 0.09 16.09
C SER A 654 -7.80 -1.35 16.30
N PHE A 655 -6.89 -1.79 15.43
CA PHE A 655 -6.35 -3.15 15.48
C PHE A 655 -4.86 -3.08 15.81
N TRP A 656 -4.43 -3.91 16.75
CA TRP A 656 -3.07 -3.92 17.24
C TRP A 656 -2.52 -5.34 17.20
N LEU A 657 -1.21 -5.49 17.06
CA LEU A 657 -0.62 -6.83 17.15
C LEU A 657 -0.79 -7.35 18.57
N ALA A 658 -1.13 -8.64 18.69
CA ALA A 658 -1.38 -9.24 19.98
C ALA A 658 -0.08 -9.82 20.56
N THR A 659 -0.08 -10.04 21.88
CA THR A 659 1.03 -10.71 22.52
C THR A 659 0.87 -12.22 22.38
N ILE A 660 1.97 -12.90 22.09
CA ILE A 660 1.94 -14.32 21.76
C ILE A 660 3.08 -15.01 22.50
N GLU A 661 2.78 -16.14 23.14
CA GLU A 661 3.79 -16.97 23.79
C GLU A 661 4.38 -17.95 22.79
N ARG A 662 5.71 -17.98 22.69
CA ARG A 662 6.35 -18.83 21.69
C ARG A 662 5.89 -20.28 21.79
N SER A 663 5.74 -20.79 23.02
CA SER A 663 5.30 -22.17 23.20
C SER A 663 3.87 -22.40 22.73
N GLU A 664 3.05 -21.36 22.65
CA GLU A 664 1.66 -21.49 22.27
C GLU A 664 1.38 -21.00 20.86
N MET A 665 2.42 -20.78 20.04
CA MET A 665 2.21 -20.17 18.73
C MET A 665 1.19 -20.94 17.92
N PHE A 666 1.24 -22.27 17.96
CA PHE A 666 0.40 -23.04 17.05
C PHE A 666 -0.86 -23.56 17.72
N LYS A 667 -1.01 -23.36 19.02
CA LYS A 667 -2.21 -23.77 19.72
C LYS A 667 -3.36 -22.79 19.49
N LYS A 668 -4.55 -23.24 19.83
CA LYS A 668 -5.74 -22.43 19.66
C LYS A 668 -5.64 -21.15 20.48
N PRO A 669 -5.84 -19.97 19.88
CA PRO A 669 -5.82 -18.75 20.68
C PRO A 669 -6.86 -18.82 21.79
N THR A 670 -6.48 -18.33 22.97
CA THR A 670 -7.45 -18.21 24.05
C THR A 670 -8.16 -16.87 23.93
N PRO A 671 -9.46 -16.84 23.66
CA PRO A 671 -10.15 -15.54 23.52
C PRO A 671 -10.09 -14.75 24.81
N SER A 672 -10.02 -13.43 24.69
CA SER A 672 -9.96 -12.56 25.85
C SER A 672 -10.69 -11.25 25.54
N THR A 673 -11.44 -10.75 26.52
CA THR A 673 -12.07 -9.44 26.46
C THR A 673 -11.48 -8.61 27.58
N LEU A 674 -10.85 -7.50 27.24
CA LEU A 674 -10.07 -6.70 28.16
C LEU A 674 -10.73 -5.36 28.42
N LYS A 675 -10.67 -4.89 29.66
CA LYS A 675 -11.24 -3.61 30.04
C LYS A 675 -10.14 -2.65 30.49
N ALA A 676 -10.54 -1.39 30.71
CA ALA A 676 -9.59 -0.37 31.15
C ALA A 676 -8.80 -0.84 32.36
N GLY A 677 -7.49 -0.63 32.31
CA GLY A 677 -6.58 -1.14 33.31
C GLY A 677 -5.82 -2.39 32.92
N GLU A 678 -6.29 -3.10 31.89
CA GLU A 678 -5.58 -4.28 31.40
C GLU A 678 -5.48 -4.30 29.88
N LEU A 679 -5.70 -3.16 29.23
CA LEU A 679 -5.64 -3.14 27.77
C LEU A 679 -4.21 -3.41 27.28
N ARG A 680 -3.25 -2.64 27.76
CA ARG A 680 -1.89 -2.76 27.25
C ARG A 680 -1.22 -4.08 27.66
N THR A 681 -1.88 -4.94 28.44
CA THR A 681 -1.28 -6.21 28.83
C THR A 681 -1.21 -7.18 27.66
N HIS A 682 -2.13 -7.05 26.70
CA HIS A 682 -2.13 -7.93 25.53
CA HIS A 682 -2.15 -7.93 25.54
C HIS A 682 -1.75 -7.21 24.25
N VAL A 683 -1.12 -6.04 24.35
CA VAL A 683 -0.73 -5.28 23.16
C VAL A 683 0.77 -5.40 22.96
N SER A 684 1.16 -5.90 21.78
CA SER A 684 2.56 -5.98 21.37
C SER A 684 3.25 -4.61 21.45
N ARG A 685 4.53 -4.62 21.78
CA ARG A 685 5.34 -3.41 21.85
C ARG A 685 6.29 -3.35 20.66
N CYS A 686 6.79 -2.14 20.39
CA CYS A 686 7.66 -1.93 19.22
C CYS A 686 8.70 -0.88 19.56
N GLN A 687 9.72 -0.83 18.71
CA GLN A 687 10.73 0.22 18.80
C GLN A 687 11.05 0.66 17.38
N VAL A 688 11.27 1.96 17.21
CA VAL A 688 11.66 2.52 15.92
C VAL A 688 13.16 2.77 15.93
N CYS A 689 13.85 2.28 14.91
CA CYS A 689 15.30 2.20 14.89
C CYS A 689 15.85 2.79 13.60
N MET A 690 17.03 3.40 13.70
CA MET A 690 17.71 3.99 12.55
C MET A 690 19.11 3.41 12.45
N ARG A 691 19.53 3.10 11.22
CA ARG A 691 20.83 2.48 11.00
C ARG A 691 21.95 3.46 11.35
N ARG A 692 22.87 3.00 12.20
CA ARG A 692 23.97 3.85 12.63
C ARG A 692 24.95 4.09 11.48
N THR A 693 25.37 5.33 11.30
CA THR A 693 26.29 5.69 10.23
C THR A 693 27.44 6.54 10.78
CL CL B . -16.98 -4.21 19.99
CL CL C . -18.47 15.58 1.00
CL CL D . -20.29 13.61 -10.50
CL CL E . -11.60 -20.93 -10.99
CL CL F . -11.53 -13.75 15.89
CL CL G . -10.49 -12.28 -17.94
S SO4 H . -5.27 29.05 10.84
O1 SO4 H . -5.67 28.74 9.47
O2 SO4 H . -6.48 29.30 11.61
O3 SO4 H . -4.52 27.96 11.42
O4 SO4 H . -4.42 30.24 10.84
S SO4 I . 3.48 -26.95 -14.39
O1 SO4 I . 2.12 -27.21 -14.80
O2 SO4 I . 3.53 -26.76 -12.95
O3 SO4 I . 4.33 -28.08 -14.74
O4 SO4 I . 4.00 -25.77 -15.04
S SO4 J . -4.73 0.31 30.19
O1 SO4 J . -4.07 -0.99 30.31
O2 SO4 J . -6.17 0.13 30.26
O3 SO4 J . -4.36 0.91 28.91
O4 SO4 J . -4.29 1.21 31.25
S SO4 K . -12.41 -25.47 17.36
O1 SO4 K . -13.70 -26.11 17.12
O2 SO4 K . -12.49 -24.03 17.09
O3 SO4 K . -11.41 -26.08 16.49
O4 SO4 K . -12.04 -25.66 18.76
S SO4 L . 24.74 -2.37 18.70
O1 SO4 L . 24.04 -3.57 19.18
O2 SO4 L . 24.30 -2.07 17.34
O3 SO4 L . 26.17 -2.63 18.70
O4 SO4 L . 24.45 -1.25 19.58
S SO4 M . 16.38 -15.59 14.72
O1 SO4 M . 15.38 -14.66 14.22
O2 SO4 M . 15.73 -16.54 15.61
O3 SO4 M . 17.02 -16.30 13.63
O4 SO4 M . 17.38 -14.84 15.48
S SO4 N . 20.99 -18.70 -2.83
O1 SO4 N . 19.80 -18.47 -3.64
O2 SO4 N . 20.69 -19.70 -1.80
O3 SO4 N . 22.06 -19.21 -3.69
O4 SO4 N . 21.41 -17.46 -2.19
S SO4 O . 8.51 -11.93 -28.09
O1 SO4 O . 8.04 -13.05 -28.91
O2 SO4 O . 7.75 -10.73 -28.42
O3 SO4 O . 8.32 -12.28 -26.68
O4 SO4 O . 9.92 -11.68 -28.33
C1 PEG P . -14.54 7.79 24.80
O1 PEG P . -15.66 8.17 25.55
C2 PEG P . -14.33 8.75 23.64
O2 PEG P . -13.11 8.53 22.99
C3 PEG P . -12.36 9.70 22.79
C4 PEG P . -10.86 9.39 22.86
O4 PEG P . -10.17 10.45 23.45
C1 PGE Q . 0.65 -27.74 -2.23
O1 PGE Q . 1.06 -26.64 -3.03
C2 PGE Q . -0.56 -27.33 -1.40
O2 PGE Q . -1.74 -27.33 -2.17
C3 PGE Q . -2.88 -27.39 -1.35
C4 PGE Q . -4.15 -27.37 -2.17
O4 PGE Q . -6.16 -31.10 -3.16
C6 PGE Q . -5.59 -30.18 -4.08
C5 PGE Q . -5.56 -28.80 -3.45
O3 PGE Q . -4.33 -28.64 -2.77
O1 P6G R . -19.50 1.04 29.87
C2 P6G R . -19.39 1.65 28.62
C3 P6G R . -19.53 3.16 28.77
O4 P6G R . -20.66 3.61 28.07
C5 P6G R . -20.45 4.80 27.36
C6 P6G R . -21.78 5.26 26.77
O7 P6G R . -21.66 5.38 25.38
C8 P6G R . -21.49 4.16 24.72
C9 P6G R . -21.97 4.27 23.27
O10 P6G R . -21.65 3.11 22.56
C11 P6G R . -21.89 1.92 23.25
C12 P6G R . -21.87 0.71 22.31
O13 P6G R . -21.57 -0.42 23.08
C14 P6G R . -21.83 -1.66 22.46
C15 P6G R . -21.55 -2.77 23.47
O16 P6G R . -20.75 -3.78 22.91
C17 P6G R . -19.39 -3.49 22.76
C18 P6G R . -18.69 -3.25 24.11
O19 P6G R . -18.35 -1.90 24.26
C1 GOL S . -11.53 23.89 -2.24
O1 GOL S . -10.56 24.36 -3.17
C2 GOL S . -12.22 25.11 -1.58
O2 GOL S . -12.82 25.93 -2.54
C3 GOL S . -11.15 25.89 -0.79
O3 GOL S . -10.60 25.06 0.21
C1 GOL T . -12.17 28.71 9.08
O1 GOL T . -12.04 29.47 7.89
C2 GOL T . -13.43 27.83 8.90
O2 GOL T . -13.28 26.91 7.86
C3 GOL T . -13.69 27.15 10.30
O3 GOL T . -12.49 26.54 10.72
C1 GOL U . 6.63 25.63 12.07
O1 GOL U . 7.46 24.67 12.63
C2 GOL U . 5.96 24.95 10.87
O2 GOL U . 5.28 25.83 10.08
C3 GOL U . 7.10 24.27 10.13
O3 GOL U . 6.53 23.73 8.99
C1 GOL V . 12.26 -5.89 -16.64
O1 GOL V . 12.07 -6.25 -17.96
C2 GOL V . 11.66 -4.49 -16.49
O2 GOL V . 11.70 -3.80 -17.69
C3 GOL V . 10.23 -4.73 -16.00
O3 GOL V . 10.34 -5.40 -14.79
#